data_4R1G
#
_entry.id   4R1G
#
_cell.length_a   67.520
_cell.length_b   69.889
_cell.length_c   114.304
_cell.angle_alpha   90.00
_cell.angle_beta   97.08
_cell.angle_gamma   90.00
#
_symmetry.space_group_name_H-M   'P 1 21 1'
#
loop_
_entity.id
_entity.type
_entity.pdbx_description
1 polymer 'Peptidoglycan glycosyltransferase'
2 non-polymer 'CLOXACILLIN (OPEN FORM)'
3 water water
#
_entity_poly.entity_id   1
_entity_poly.type   'polypeptide(L)'
_entity_poly.pdbx_seq_one_letter_code
;(MSE)HHHHHHSSGVDLWSHPQFEKGTENLYFQSNAIDAPRLQALPTNNHTIAKSAYVQRGAIITSDGVTLAESVKQDDG
TYVRNYPHDG(MSE)ASHTVGYISTQYGTAGIESS(MSE)NETLTGHADHSDWRSALYS(MSE)AGINTTGSSVVLTINS
Q(MSE)QAVAEAALQGYSGSIVV(MSE)DPSTGAVLAKASSPSYTHAELGTIIESGTGSQLVDRTTQALYSPGSSFKTVT
LAAGIDTHKTTLDTTYSAPGT(MSE)EIGGGTIHNYANED(MSE)GTIPLREAFARSSNTALAQLGVALGADNLVSYARA
FGYGTALGQDFSTTPSL(MSE)PNPAE(MSE)TTWELAWASCGLPVGEHASPAGPQTTV(MSE)QNAVIAAAIANGGVV
(MSE)NPYIVDRVLSPEGAVVSTTSPKSLGQAVSADTAAQVREA(MSE)LGVVESGTG(MSE)GARVPGVKIAGKTGTAD
VENGNFNSFFIGFAPYDHPTLVVSVVIEGNGENVLGYGAQVGGRVLAQCLNIQALGAAS
;
_entity_poly.pdbx_strand_id   A,B
#
# COMPACT_ATOMS: atom_id res chain seq x y z
N LYS A 50 7.56 36.99 -38.99
CA LYS A 50 8.35 37.97 -38.20
C LYS A 50 8.62 37.48 -36.78
N SER A 51 7.86 36.47 -36.33
CA SER A 51 7.81 36.10 -34.92
C SER A 51 8.93 35.19 -34.46
N ALA A 52 9.64 34.55 -35.40
CA ALA A 52 10.81 33.75 -35.05
C ALA A 52 11.94 34.62 -34.52
N TYR A 53 11.91 35.90 -34.87
CA TYR A 53 12.93 36.83 -34.44
C TYR A 53 12.64 37.46 -33.07
N VAL A 54 11.45 37.19 -32.53
CA VAL A 54 11.07 37.72 -31.23
C VAL A 54 11.23 36.62 -30.21
N GLN A 55 12.04 36.87 -29.18
CA GLN A 55 12.30 35.87 -28.18
C GLN A 55 11.05 35.55 -27.36
N ARG A 56 10.81 34.27 -27.17
CA ARG A 56 9.65 33.81 -26.43
C ARG A 56 10.07 33.72 -24.98
N GLY A 57 9.19 34.11 -24.06
CA GLY A 57 9.47 33.97 -22.61
C GLY A 57 9.68 32.51 -22.16
N ALA A 58 10.30 32.33 -21.00
CA ALA A 58 10.59 31.01 -20.44
C ALA A 58 9.40 30.53 -19.58
N ILE A 59 9.29 29.21 -19.42
CA ILE A 59 8.34 28.58 -18.49
C ILE A 59 9.16 27.87 -17.39
N ILE A 60 8.90 28.21 -16.13
CA ILE A 60 9.72 27.81 -14.99
C ILE A 60 8.90 27.31 -13.83
N THR A 61 9.39 26.30 -13.13
CA THR A 61 8.66 25.75 -11.98
C THR A 61 8.78 26.70 -10.79
N SER A 62 7.93 26.48 -9.78
CA SER A 62 7.95 27.34 -8.62
C SER A 62 9.29 27.20 -7.90
N ASP A 63 9.94 26.05 -7.99
CA ASP A 63 11.25 25.87 -7.33
C ASP A 63 12.44 26.21 -8.23
N GLY A 64 12.19 26.93 -9.33
CA GLY A 64 13.24 27.47 -10.15
C GLY A 64 13.80 26.59 -11.25
N VAL A 65 13.02 25.61 -11.72
CA VAL A 65 13.51 24.77 -12.80
C VAL A 65 12.92 25.14 -14.15
N THR A 66 13.76 25.50 -15.11
CA THR A 66 13.27 25.96 -16.40
C THR A 66 12.92 24.77 -17.23
N LEU A 67 11.72 24.81 -17.75
CA LEU A 67 11.24 23.70 -18.52
C LEU A 67 11.05 24.12 -19.96
N ALA A 68 11.08 25.41 -20.24
CA ALA A 68 11.00 25.86 -21.62
C ALA A 68 11.63 27.22 -21.74
N GLU A 69 12.27 27.44 -22.88
CA GLU A 69 13.28 28.51 -23.09
C GLU A 69 13.41 28.74 -24.59
N SER A 70 13.62 29.98 -25.02
CA SER A 70 13.96 30.21 -26.39
C SER A 70 15.43 30.62 -26.51
N VAL A 71 16.12 30.02 -27.47
CA VAL A 71 17.54 30.29 -27.70
C VAL A 71 17.77 31.00 -29.06
N LYS A 72 18.58 32.05 -29.01
CA LYS A 72 18.87 32.86 -30.18
C LYS A 72 19.81 32.14 -31.16
N GLN A 73 19.41 32.10 -32.42
CA GLN A 73 20.29 31.59 -33.47
C GLN A 73 21.21 32.69 -33.94
N ASP A 74 22.26 32.31 -34.67
CA ASP A 74 23.15 33.28 -35.31
C ASP A 74 22.45 33.86 -36.52
N ASP A 75 21.65 33.01 -37.14
CA ASP A 75 20.54 33.40 -37.99
C ASP A 75 19.69 34.62 -37.53
N GLY A 76 19.60 34.87 -36.23
CA GLY A 76 18.75 35.93 -35.67
C GLY A 76 17.46 35.38 -35.05
N THR A 77 16.95 34.30 -35.64
CA THR A 77 15.76 33.63 -35.12
C THR A 77 16.01 32.95 -33.79
N TYR A 78 14.91 32.47 -33.21
CA TYR A 78 14.93 31.82 -31.91
C TYR A 78 14.39 30.38 -32.03
N VAL A 79 15.01 29.44 -31.33
CA VAL A 79 14.54 28.05 -31.33
C VAL A 79 14.04 27.69 -29.93
N ARG A 80 12.91 27.00 -29.89
CA ARG A 80 12.28 26.62 -28.64
C ARG A 80 13.01 25.41 -28.09
N ASN A 81 13.59 25.55 -26.90
CA ASN A 81 14.31 24.47 -26.23
C ASN A 81 13.54 24.00 -24.95
N TYR A 82 13.49 22.68 -24.71
CA TYR A 82 12.83 22.11 -23.52
C TYR A 82 13.79 21.34 -22.61
N PRO A 83 14.42 22.03 -21.66
CA PRO A 83 15.26 21.35 -20.66
C PRO A 83 14.46 20.39 -19.80
N HIS A 84 15.14 19.39 -19.22
CA HIS A 84 14.48 18.28 -18.55
C HIS A 84 13.26 17.82 -19.37
N ASP A 85 13.49 17.63 -20.67
CA ASP A 85 12.49 17.25 -21.61
C ASP A 85 11.79 15.98 -21.14
N GLY A 86 10.48 16.05 -21.02
CA GLY A 86 9.71 14.93 -20.53
C GLY A 86 9.07 15.18 -19.19
N ALA A 88 6.53 17.12 -16.92
CA ALA A 88 5.30 17.89 -17.03
C ALA A 88 4.97 18.26 -18.46
N SER A 89 5.21 17.34 -19.37
CA SER A 89 5.12 17.62 -20.79
C SER A 89 3.75 18.20 -21.15
N HIS A 90 2.64 17.60 -20.69
CA HIS A 90 1.31 18.07 -21.13
C HIS A 90 0.99 19.43 -20.63
N THR A 91 1.55 19.76 -19.47
CA THR A 91 1.31 21.02 -18.83
C THR A 91 2.14 22.15 -19.45
N VAL A 92 3.41 21.88 -19.68
CA VAL A 92 4.27 22.81 -20.41
C VAL A 92 3.74 23.03 -21.83
N GLY A 93 3.43 21.94 -22.49
CA GLY A 93 2.78 22.02 -23.80
C GLY A 93 3.74 22.22 -24.95
N TYR A 94 3.16 22.65 -26.06
CA TYR A 94 3.87 22.75 -27.34
C TYR A 94 2.99 23.49 -28.34
N ILE A 95 3.64 23.93 -29.41
CA ILE A 95 3.00 24.46 -30.58
C ILE A 95 3.54 23.69 -31.77
N SER A 96 2.69 22.88 -32.40
CA SER A 96 3.11 22.00 -33.46
C SER A 96 2.04 22.04 -34.57
N THR A 97 2.50 22.14 -35.79
CA THR A 97 1.62 22.15 -36.92
C THR A 97 0.90 20.82 -36.97
N GLN A 98 1.64 19.75 -36.78
CA GLN A 98 1.07 18.45 -36.90
C GLN A 98 0.22 18.04 -35.73
N TYR A 99 0.68 18.34 -34.53
CA TYR A 99 0.10 17.83 -33.28
C TYR A 99 -0.77 18.85 -32.57
N GLY A 100 -0.85 20.09 -33.07
CA GLY A 100 -1.70 21.10 -32.45
C GLY A 100 -0.95 21.88 -31.38
N THR A 101 -1.68 22.54 -30.51
CA THR A 101 -1.13 23.33 -29.41
C THR A 101 -1.75 22.86 -28.12
N ALA A 102 -1.00 22.97 -27.05
CA ALA A 102 -1.42 22.47 -25.76
C ALA A 102 -0.66 23.18 -24.65
N GLY A 103 -1.22 23.12 -23.47
CA GLY A 103 -0.51 23.51 -22.30
C GLY A 103 -0.27 24.99 -22.20
N ILE A 104 0.75 25.32 -21.41
CA ILE A 104 1.11 26.70 -21.13
C ILE A 104 1.55 27.36 -22.41
N GLU A 105 2.30 26.66 -23.25
CA GLU A 105 2.67 27.25 -24.56
C GLU A 105 1.46 27.82 -25.31
N SER A 106 0.34 27.15 -25.19
CA SER A 106 -0.88 27.56 -25.84
C SER A 106 -1.63 28.58 -24.97
N SER A 107 -1.97 28.20 -23.74
CA SER A 107 -2.88 29.02 -22.92
C SER A 107 -2.30 30.39 -22.56
N ASN A 109 0.07 31.90 -24.49
CA ASN A 109 0.79 32.24 -25.69
C ASN A 109 0.87 33.76 -25.86
N GLU A 110 -0.27 34.43 -25.62
CA GLU A 110 -0.34 35.91 -25.62
C GLU A 110 0.84 36.48 -24.85
N THR A 111 1.03 35.97 -23.64
CA THR A 111 2.00 36.49 -22.67
C THR A 111 3.46 36.14 -22.97
N LEU A 112 3.71 34.89 -23.32
CA LEU A 112 5.06 34.45 -23.72
C LEU A 112 5.50 35.05 -25.05
N THR A 113 4.53 35.27 -25.95
CA THR A 113 4.83 35.94 -27.24
C THR A 113 5.16 37.41 -26.97
N ASP A 120 2.89 49.97 -34.49
CA ASP A 120 3.81 51.10 -34.43
C ASP A 120 5.00 50.96 -35.42
N TRP A 121 5.77 52.03 -35.55
CA TRP A 121 6.72 52.19 -36.68
C TRP A 121 7.76 51.09 -36.83
N ARG A 122 8.33 50.61 -35.74
CA ARG A 122 9.36 49.59 -35.83
C ARG A 122 8.86 48.28 -36.42
N SER A 123 7.56 47.99 -36.30
CA SER A 123 7.03 46.67 -36.67
C SER A 123 7.25 46.29 -38.13
N ALA A 124 7.32 47.28 -39.00
CA ALA A 124 7.63 47.08 -40.39
C ALA A 124 9.09 46.60 -40.64
N LEU A 125 10.00 46.79 -39.68
CA LEU A 125 11.37 46.34 -39.87
C LEU A 125 11.64 45.05 -39.10
N TYR A 126 11.86 43.97 -39.84
CA TYR A 126 12.18 42.70 -39.21
C TYR A 126 13.47 42.80 -38.45
N SER A 127 14.42 43.60 -38.91
CA SER A 127 15.69 43.74 -38.20
C SER A 127 15.53 44.37 -36.84
N ALA A 129 12.84 43.63 -34.76
CA ALA A 129 11.99 42.78 -33.95
C ALA A 129 12.75 42.26 -32.73
N GLY A 130 14.06 42.02 -32.88
CA GLY A 130 14.84 41.43 -31.80
C GLY A 130 15.15 42.34 -30.63
N ILE A 131 15.21 43.64 -30.86
CA ILE A 131 15.73 44.57 -29.86
C ILE A 131 14.66 44.99 -28.88
N ASN A 132 13.47 45.30 -29.39
CA ASN A 132 12.51 46.04 -28.62
C ASN A 132 11.74 45.23 -27.58
N THR A 133 11.21 44.07 -27.94
CA THR A 133 10.17 43.44 -27.15
C THR A 133 10.34 41.94 -26.97
N THR A 134 10.75 41.53 -25.76
CA THR A 134 10.87 40.12 -25.42
C THR A 134 9.60 39.62 -24.73
N GLY A 135 9.27 38.35 -24.93
CA GLY A 135 8.18 37.73 -24.23
C GLY A 135 8.48 37.69 -22.74
N SER A 136 7.43 37.63 -21.95
CA SER A 136 7.59 37.61 -20.51
C SER A 136 7.52 36.13 -20.11
N SER A 137 8.15 35.79 -18.99
CA SER A 137 8.21 34.41 -18.51
C SER A 137 7.08 34.07 -17.54
N VAL A 138 6.86 32.78 -17.36
CA VAL A 138 5.77 32.26 -16.59
C VAL A 138 6.36 31.32 -15.56
N VAL A 139 6.07 31.57 -14.28
CA VAL A 139 6.49 30.70 -13.18
C VAL A 139 5.25 29.95 -12.79
N LEU A 140 5.34 28.62 -12.82
CA LEU A 140 4.20 27.81 -12.55
C LEU A 140 4.14 27.55 -11.06
N THR A 141 2.96 27.11 -10.62
CA THR A 141 2.73 26.65 -9.27
C THR A 141 3.28 25.25 -9.11
N ILE A 142 3.54 24.56 -10.22
CA ILE A 142 4.16 23.24 -10.18
C ILE A 142 5.48 23.26 -9.41
N ASN A 143 5.67 22.29 -8.52
CA ASN A 143 6.94 22.03 -7.87
C ASN A 143 7.60 20.83 -8.51
N SER A 144 8.87 20.95 -8.83
CA SER A 144 9.54 19.93 -9.64
C SER A 144 9.76 18.64 -8.91
N GLN A 145 9.99 18.68 -7.61
CA GLN A 145 10.11 17.45 -6.84
C GLN A 145 8.76 16.73 -6.67
N GLN A 147 6.38 17.03 -8.80
CA GLN A 147 6.14 16.55 -10.18
C GLN A 147 6.87 15.23 -10.43
N ALA A 148 8.13 15.14 -10.02
CA ALA A 148 8.92 13.92 -10.21
C ALA A 148 8.33 12.76 -9.44
N VAL A 149 7.79 13.06 -8.25
CA VAL A 149 7.07 12.08 -7.44
C VAL A 149 5.85 11.49 -8.19
N ALA A 150 5.01 12.36 -8.75
CA ALA A 150 3.83 11.92 -9.47
C ALA A 150 4.20 11.18 -10.72
N GLU A 151 5.21 11.66 -11.42
CA GLU A 151 5.62 10.94 -12.64
C GLU A 151 6.20 9.54 -12.38
N ALA A 152 6.98 9.42 -11.33
CA ALA A 152 7.54 8.12 -10.90
C ALA A 152 6.44 7.14 -10.51
N ALA A 153 5.34 7.62 -9.93
CA ALA A 153 4.29 6.75 -9.46
C ALA A 153 3.44 6.23 -10.59
N LEU A 154 3.49 6.88 -11.75
CA LEU A 154 2.76 6.42 -12.94
C LEU A 154 3.57 5.55 -13.90
N GLN A 155 4.86 5.38 -13.66
CA GLN A 155 5.68 4.55 -14.52
C GLN A 155 5.09 3.17 -14.67
N GLY A 156 4.92 2.73 -15.89
CA GLY A 156 4.38 1.40 -16.14
C GLY A 156 2.86 1.39 -16.26
N TYR A 157 2.21 2.55 -16.08
CA TYR A 157 0.73 2.57 -16.03
C TYR A 157 0.19 3.67 -16.93
N SER A 158 -1.01 3.50 -17.40
CA SER A 158 -1.71 4.63 -17.96
C SER A 158 -2.59 5.24 -16.91
N GLY A 159 -2.65 6.57 -16.91
CA GLY A 159 -3.62 7.31 -16.09
C GLY A 159 -3.08 8.68 -15.75
N SER A 160 -3.44 9.21 -14.59
CA SER A 160 -2.99 10.55 -14.25
C SER A 160 -3.10 10.83 -12.76
N ILE A 161 -2.34 11.82 -12.34
CA ILE A 161 -2.30 12.27 -10.95
C ILE A 161 -2.32 13.78 -10.89
N VAL A 162 -3.12 14.33 -9.99
CA VAL A 162 -3.06 15.78 -9.69
C VAL A 162 -2.79 15.95 -8.22
N VAL A 163 -1.85 16.80 -7.86
CA VAL A 163 -1.62 17.21 -6.50
C VAL A 163 -1.93 18.70 -6.38
N ASP A 165 -3.17 22.24 -3.71
CA ASP A 165 -3.26 22.86 -2.43
C ASP A 165 -4.72 23.12 -2.14
N PRO A 166 -5.24 22.59 -1.05
CA PRO A 166 -6.69 22.73 -0.91
C PRO A 166 -7.18 24.14 -0.62
N SER A 167 -6.33 24.98 -0.05
CA SER A 167 -6.81 26.32 0.29
C SER A 167 -6.85 27.28 -0.90
N THR A 168 -6.02 27.04 -1.92
CA THR A 168 -5.95 27.96 -3.05
C THR A 168 -6.42 27.34 -4.35
N GLY A 169 -6.27 26.02 -4.50
CA GLY A 169 -6.45 25.41 -5.79
C GLY A 169 -5.19 25.43 -6.61
N ALA A 170 -4.06 25.83 -6.05
CA ALA A 170 -2.81 25.81 -6.79
C ALA A 170 -2.48 24.37 -7.11
N VAL A 171 -2.08 24.14 -8.35
CA VAL A 171 -1.73 22.83 -8.84
C VAL A 171 -0.22 22.60 -8.67
N LEU A 172 0.11 21.71 -7.76
CA LEU A 172 1.49 21.48 -7.39
C LEU A 172 2.22 20.39 -8.20
N ALA A 173 1.46 19.45 -8.73
CA ALA A 173 1.91 18.40 -9.63
C ALA A 173 0.75 17.98 -10.50
N LYS A 174 1.01 17.70 -11.78
CA LYS A 174 -0.02 17.37 -12.74
C LYS A 174 0.64 16.47 -13.74
N ALA A 175 0.30 15.16 -13.69
CA ALA A 175 1.00 14.19 -14.55
C ALA A 175 0.02 13.30 -15.26
N SER A 176 0.27 13.11 -16.55
CA SER A 176 -0.48 12.19 -17.38
C SER A 176 0.46 11.11 -17.99
N SER A 177 -0.05 9.89 -18.14
CA SER A 177 0.81 8.76 -18.62
C SER A 177 -0.07 7.91 -19.52
N PRO A 178 0.47 7.47 -20.68
CA PRO A 178 1.86 7.65 -21.09
C PRO A 178 2.13 9.06 -21.53
N SER A 179 3.38 9.47 -21.40
CA SER A 179 3.75 10.81 -21.76
C SER A 179 4.64 10.75 -22.98
N TYR A 180 5.34 11.86 -23.26
CA TYR A 180 6.15 12.01 -24.47
C TYR A 180 7.14 13.08 -24.14
N THR A 181 8.14 13.23 -24.99
CA THR A 181 9.07 14.32 -24.92
C THR A 181 8.83 15.19 -26.11
N HIS A 182 9.25 16.44 -25.98
CA HIS A 182 9.20 17.38 -27.08
C HIS A 182 10.04 16.94 -28.27
N ALA A 183 11.19 16.30 -27.99
CA ALA A 183 11.96 15.70 -29.07
C ALA A 183 11.08 14.77 -29.91
N GLU A 184 10.21 13.99 -29.29
CA GLU A 184 9.38 13.04 -30.05
C GLU A 184 8.31 13.66 -30.89
N LEU A 185 7.99 14.91 -30.62
CA LEU A 185 7.02 15.64 -31.42
C LEU A 185 7.56 15.95 -32.80
N GLY A 186 8.89 15.89 -32.97
CA GLY A 186 9.51 16.04 -34.29
C GLY A 186 9.60 14.75 -35.08
N THR A 187 8.73 13.78 -34.77
CA THR A 187 8.73 12.46 -35.40
C THR A 187 7.29 12.02 -35.44
N ILE A 188 7.05 10.85 -36.01
CA ILE A 188 5.68 10.32 -36.11
C ILE A 188 5.39 9.59 -34.81
N ILE A 189 4.23 9.88 -34.22
CA ILE A 189 3.69 9.15 -33.08
C ILE A 189 2.14 9.23 -33.17
N GLU A 190 1.42 8.34 -32.50
CA GLU A 190 -0.06 8.47 -32.41
C GLU A 190 -0.48 9.88 -32.02
N SER A 195 -2.90 8.22 -27.97
CA SER A 195 -2.92 8.04 -26.54
C SER A 195 -2.00 9.04 -25.87
N GLN A 196 -0.69 9.04 -26.17
CA GLN A 196 0.31 9.79 -25.38
C GLN A 196 -0.02 11.26 -25.27
N LEU A 197 -0.54 11.83 -26.33
CA LEU A 197 -0.76 13.25 -26.36
C LEU A 197 -2.01 13.69 -25.55
N VAL A 198 -2.90 12.76 -25.20
CA VAL A 198 -4.05 13.11 -24.40
C VAL A 198 -3.61 13.47 -22.99
N ASP A 199 -4.10 14.62 -22.50
CA ASP A 199 -3.86 15.02 -21.10
C ASP A 199 -4.95 14.42 -20.24
N ARG A 200 -4.60 13.27 -19.63
CA ARG A 200 -5.56 12.53 -18.80
C ARG A 200 -5.88 13.19 -17.44
N THR A 201 -5.29 14.34 -17.12
CA THR A 201 -5.66 15.09 -15.95
C THR A 201 -6.86 15.97 -16.24
N THR A 202 -6.95 16.47 -17.46
CA THR A 202 -7.89 17.57 -17.76
C THR A 202 -8.77 17.39 -18.98
N GLN A 203 -8.35 16.54 -19.88
CA GLN A 203 -8.94 16.48 -21.17
C GLN A 203 -9.44 15.11 -21.57
N ALA A 204 -9.62 14.26 -20.56
CA ALA A 204 -10.18 12.94 -20.74
C ALA A 204 -11.27 12.78 -19.73
N LEU A 205 -12.40 12.20 -20.11
CA LEU A 205 -13.47 11.99 -19.18
C LEU A 205 -13.57 10.54 -18.81
N TYR A 206 -13.91 10.30 -17.57
CA TYR A 206 -14.02 8.96 -17.02
C TYR A 206 -15.30 8.82 -16.21
N SER A 207 -15.85 7.60 -16.17
CA SER A 207 -16.79 7.28 -15.10
C SER A 207 -16.07 7.28 -13.76
N PRO A 208 -16.53 8.11 -12.81
CA PRO A 208 -15.76 8.17 -11.57
C PRO A 208 -15.97 6.97 -10.64
N GLY A 209 -17.01 6.19 -10.92
CA GLY A 209 -17.43 5.12 -10.06
C GLY A 209 -17.60 5.64 -8.65
N SER A 210 -17.17 4.80 -7.70
CA SER A 210 -17.45 5.05 -6.29
C SER A 210 -16.81 6.29 -5.68
N SER A 211 -15.81 6.89 -6.31
CA SER A 211 -15.21 8.12 -5.81
C SER A 211 -16.25 9.25 -5.79
N PHE A 212 -17.20 9.14 -6.69
CA PHE A 212 -18.29 10.15 -6.74
C PHE A 212 -19.25 10.09 -5.53
N LYS A 213 -19.28 8.96 -4.84
CA LYS A 213 -20.07 8.86 -3.63
C LYS A 213 -19.71 9.94 -2.63
N THR A 214 -18.52 10.55 -2.75
CA THR A 214 -18.19 11.73 -1.93
C THR A 214 -19.20 12.86 -2.11
N VAL A 215 -19.64 13.05 -3.34
CA VAL A 215 -20.62 14.08 -3.69
C VAL A 215 -22.00 13.66 -3.21
N THR A 216 -22.39 12.40 -3.43
CA THR A 216 -23.67 11.93 -2.91
C THR A 216 -23.77 12.08 -1.39
N LEU A 217 -22.71 11.64 -0.68
CA LEU A 217 -22.65 11.75 0.75
C LEU A 217 -22.76 13.23 1.15
N ALA A 218 -21.98 14.10 0.53
CA ALA A 218 -21.96 15.50 0.92
C ALA A 218 -23.34 16.13 0.75
N ALA A 219 -24.00 15.81 -0.35
CA ALA A 219 -25.34 16.31 -0.60
C ALA A 219 -26.36 15.78 0.44
N GLY A 220 -26.22 14.53 0.85
CA GLY A 220 -27.19 13.93 1.75
C GLY A 220 -27.06 14.54 3.12
N ILE A 221 -25.84 14.80 3.55
CA ILE A 221 -25.61 15.42 4.79
C ILE A 221 -25.98 16.89 4.75
N ASP A 222 -25.64 17.57 3.70
CA ASP A 222 -25.91 19.02 3.60
C ASP A 222 -27.37 19.39 3.50
N THR A 223 -28.20 18.51 2.95
CA THR A 223 -29.63 18.73 2.88
C THR A 223 -30.32 18.25 4.16
N HIS A 224 -29.53 17.70 5.10
CA HIS A 224 -30.06 17.25 6.39
C HIS A 224 -31.01 16.13 6.21
N LYS A 225 -30.74 15.27 5.25
CA LYS A 225 -31.55 14.09 4.94
C LYS A 225 -30.98 12.81 5.54
N THR A 226 -29.75 12.89 6.06
CA THR A 226 -29.13 11.70 6.67
C THR A 226 -27.94 12.16 7.50
N THR A 227 -27.30 11.23 8.19
CA THR A 227 -26.15 11.56 9.02
C THR A 227 -25.23 10.36 8.89
N LEU A 228 -23.98 10.50 9.35
CA LEU A 228 -23.06 9.36 9.27
C LEU A 228 -23.49 8.15 10.06
N ASP A 229 -24.27 8.35 11.13
CA ASP A 229 -24.69 7.23 11.96
C ASP A 229 -26.06 6.68 11.65
N THR A 230 -26.76 7.27 10.69
CA THR A 230 -27.98 6.71 10.17
C THR A 230 -27.72 5.35 9.50
N THR A 231 -28.55 4.36 9.79
CA THR A 231 -28.32 3.01 9.28
C THR A 231 -29.04 2.84 7.99
N TYR A 232 -28.44 1.98 7.17
CA TYR A 232 -28.93 1.66 5.85
C TYR A 232 -28.79 0.17 5.68
N SER A 233 -29.80 -0.36 5.04
CA SER A 233 -29.73 -1.70 4.53
C SER A 233 -28.75 -1.73 3.34
N ALA A 234 -27.80 -2.67 3.37
CA ALA A 234 -26.77 -2.69 2.39
C ALA A 234 -26.61 -4.13 1.85
N PRO A 235 -27.67 -4.66 1.24
CA PRO A 235 -27.70 -6.00 0.70
C PRO A 235 -26.90 -6.15 -0.62
N GLY A 236 -26.59 -7.39 -0.95
CA GLY A 236 -25.81 -7.70 -2.14
C GLY A 236 -26.55 -7.31 -3.39
N THR A 237 -27.87 -7.37 -3.39
CA THR A 237 -28.62 -6.92 -4.54
C THR A 237 -29.88 -6.19 -4.11
N GLU A 239 -33.53 -4.02 -5.74
CA GLU A 239 -34.36 -3.52 -6.80
C GLU A 239 -34.58 -2.02 -6.55
N ILE A 240 -34.24 -1.18 -7.52
CA ILE A 240 -34.44 0.25 -7.40
C ILE A 240 -34.79 0.78 -8.77
N GLY A 241 -35.87 1.55 -8.81
CA GLY A 241 -36.35 2.12 -10.06
C GLY A 241 -36.69 1.08 -11.09
N GLY A 242 -37.10 -0.10 -10.66
CA GLY A 242 -37.39 -1.18 -11.58
C GLY A 242 -36.19 -1.83 -12.22
N GLY A 243 -35.00 -1.61 -11.67
CA GLY A 243 -33.81 -2.33 -12.11
C GLY A 243 -33.04 -2.77 -10.88
N THR A 244 -31.86 -3.33 -11.10
CA THR A 244 -31.11 -3.95 -10.03
C THR A 244 -29.84 -3.16 -9.72
N ILE A 245 -29.53 -2.99 -8.43
CA ILE A 245 -28.25 -2.43 -7.99
C ILE A 245 -27.57 -3.53 -7.20
N HIS A 246 -26.28 -3.69 -7.37
CA HIS A 246 -25.56 -4.70 -6.65
C HIS A 246 -24.40 -4.06 -5.93
N ASN A 247 -24.08 -4.58 -4.76
CA ASN A 247 -22.74 -4.31 -4.21
C ASN A 247 -21.74 -5.09 -5.01
N TYR A 248 -20.50 -4.62 -4.97
CA TYR A 248 -19.38 -5.37 -5.47
C TYR A 248 -19.34 -6.78 -4.89
N ALA A 249 -19.21 -7.78 -5.76
CA ALA A 249 -19.21 -9.20 -5.38
C ALA A 249 -20.51 -9.64 -4.79
N ASN A 250 -21.57 -8.89 -5.03
CA ASN A 250 -22.86 -9.20 -4.44
C ASN A 250 -22.87 -9.37 -2.92
N GLU A 251 -21.99 -8.64 -2.24
CA GLU A 251 -21.80 -8.79 -0.81
C GLU A 251 -22.97 -8.22 -0.01
N ASP A 252 -23.61 -9.06 0.81
CA ASP A 252 -24.65 -8.62 1.70
C ASP A 252 -23.90 -8.09 2.91
N GLY A 254 -25.65 -6.43 5.38
CA GLY A 254 -26.64 -6.26 6.44
C GLY A 254 -26.97 -4.78 6.58
N THR A 255 -27.51 -4.42 7.72
CA THR A 255 -27.82 -3.07 8.06
C THR A 255 -26.58 -2.44 8.69
N ILE A 256 -26.13 -1.30 8.21
CA ILE A 256 -24.91 -0.66 8.72
C ILE A 256 -25.01 0.86 8.68
N PRO A 257 -24.21 1.52 9.53
CA PRO A 257 -24.27 2.97 9.47
C PRO A 257 -23.68 3.50 8.19
N LEU A 258 -24.18 4.65 7.77
CA LEU A 258 -23.72 5.24 6.56
C LEU A 258 -22.21 5.41 6.54
N ARG A 259 -21.57 5.75 7.64
CA ARG A 259 -20.11 5.91 7.61
C ARG A 259 -19.39 4.63 7.17
N GLU A 260 -19.99 3.51 7.54
CA GLU A 260 -19.49 2.17 7.21
C GLU A 260 -19.86 1.79 5.78
N ALA A 261 -21.09 2.09 5.36
CA ALA A 261 -21.50 1.92 3.94
C ALA A 261 -20.57 2.68 3.01
N PHE A 262 -20.14 3.86 3.45
CA PHE A 262 -19.21 4.71 2.68
C PHE A 262 -17.76 4.14 2.73
N ALA A 263 -17.31 3.73 3.91
CA ALA A 263 -15.96 3.17 4.04
C ALA A 263 -15.81 1.86 3.27
N ARG A 264 -16.85 1.05 3.23
CA ARG A 264 -16.82 -0.19 2.46
C ARG A 264 -17.32 -0.05 1.05
N SER A 265 -17.80 1.15 0.68
CA SER A 265 -18.30 1.46 -0.65
C SER A 265 -19.45 0.53 -1.11
N SER A 266 -20.51 0.45 -0.33
CA SER A 266 -21.71 -0.23 -0.73
C SER A 266 -22.48 0.56 -1.75
N ASN A 267 -22.74 -0.02 -2.91
CA ASN A 267 -23.59 0.62 -3.91
C ASN A 267 -25.03 0.65 -3.50
N THR A 268 -25.49 -0.45 -2.92
CA THR A 268 -26.92 -0.53 -2.55
C THR A 268 -27.30 0.52 -1.51
N ALA A 269 -26.43 0.76 -0.54
CA ALA A 269 -26.66 1.82 0.45
C ALA A 269 -26.62 3.22 -0.17
N LEU A 270 -25.54 3.52 -0.89
CA LEU A 270 -25.41 4.88 -1.43
C LEU A 270 -26.43 5.17 -2.51
N ALA A 271 -26.82 4.16 -3.32
CA ALA A 271 -27.90 4.36 -4.24
C ALA A 271 -29.19 4.78 -3.52
N GLN A 272 -29.50 4.21 -2.35
CA GLN A 272 -30.71 4.62 -1.63
C GLN A 272 -30.64 6.09 -1.21
N LEU A 273 -29.46 6.54 -0.84
CA LEU A 273 -29.29 7.92 -0.50
C LEU A 273 -29.50 8.83 -1.72
N GLY A 274 -28.91 8.47 -2.86
CA GLY A 274 -29.14 9.20 -4.10
C GLY A 274 -30.60 9.28 -4.46
N VAL A 275 -31.30 8.18 -4.34
CA VAL A 275 -32.75 8.20 -4.56
C VAL A 275 -33.54 9.08 -3.58
N ALA A 276 -33.15 9.07 -2.31
CA ALA A 276 -33.80 9.92 -1.34
C ALA A 276 -33.52 11.38 -1.66
N LEU A 277 -32.31 11.64 -2.17
CA LEU A 277 -31.97 13.02 -2.57
C LEU A 277 -32.74 13.52 -3.77
N GLY A 278 -32.87 12.68 -4.79
CA GLY A 278 -33.52 13.06 -6.05
C GLY A 278 -32.55 13.70 -7.04
N ALA A 279 -32.96 13.76 -8.29
CA ALA A 279 -32.06 14.18 -9.33
C ALA A 279 -31.70 15.63 -9.22
N ASP A 280 -32.67 16.49 -8.87
CA ASP A 280 -32.34 17.92 -8.78
C ASP A 280 -31.20 18.17 -7.80
N ASN A 281 -31.30 17.58 -6.62
CA ASN A 281 -30.28 17.80 -5.59
C ASN A 281 -28.98 17.18 -6.02
N LEU A 282 -29.02 15.98 -6.57
CA LEU A 282 -27.75 15.33 -6.91
C LEU A 282 -27.00 16.15 -7.97
N VAL A 283 -27.74 16.63 -8.97
CA VAL A 283 -27.14 17.46 -10.04
C VAL A 283 -26.69 18.83 -9.52
N SER A 284 -27.51 19.49 -8.72
CA SER A 284 -27.13 20.77 -8.13
C SER A 284 -25.85 20.69 -7.33
N TYR A 285 -25.77 19.72 -6.43
CA TYR A 285 -24.54 19.50 -5.67
C TYR A 285 -23.33 19.18 -6.55
N ALA A 286 -23.46 18.29 -7.52
CA ALA A 286 -22.36 18.08 -8.47
C ALA A 286 -21.89 19.39 -9.13
N ARG A 287 -22.84 20.20 -9.61
CA ARG A 287 -22.48 21.44 -10.21
C ARG A 287 -21.82 22.41 -9.22
N ALA A 288 -22.32 22.46 -7.99
CA ALA A 288 -21.71 23.34 -7.03
C ALA A 288 -20.26 22.96 -6.74
N PHE A 289 -19.90 21.65 -6.87
CA PHE A 289 -18.52 21.24 -6.79
C PHE A 289 -17.71 21.51 -8.04
N GLY A 290 -18.38 21.96 -9.11
CA GLY A 290 -17.68 22.31 -10.36
C GLY A 290 -18.17 21.61 -11.62
N TYR A 291 -19.02 20.60 -11.52
CA TYR A 291 -19.51 19.97 -12.75
C TYR A 291 -20.12 21.04 -13.64
N GLY A 292 -19.93 20.95 -14.95
CA GLY A 292 -20.41 21.95 -15.91
C GLY A 292 -19.49 23.16 -16.09
N THR A 293 -18.47 23.35 -15.26
CA THR A 293 -17.47 24.40 -15.39
C THR A 293 -16.18 23.92 -16.00
N ALA A 294 -15.64 24.71 -16.91
CA ALA A 294 -14.34 24.44 -17.51
C ALA A 294 -13.24 24.88 -16.53
N LEU A 295 -13.01 24.03 -15.53
CA LEU A 295 -12.07 24.31 -14.44
C LEU A 295 -10.72 24.77 -14.95
N GLY A 296 -10.15 25.73 -14.25
CA GLY A 296 -8.80 26.20 -14.56
C GLY A 296 -8.85 27.69 -14.84
N GLN A 297 -8.18 28.47 -14.03
CA GLN A 297 -8.08 29.90 -14.30
C GLN A 297 -7.25 30.16 -15.54
N ASP A 298 -6.26 29.32 -15.78
CA ASP A 298 -5.20 29.59 -16.73
C ASP A 298 -4.80 28.29 -17.45
N PHE A 299 -5.69 27.29 -17.45
CA PHE A 299 -5.45 26.10 -18.27
C PHE A 299 -6.81 25.55 -18.63
N SER A 300 -6.87 24.70 -19.65
CA SER A 300 -8.14 24.12 -20.17
C SER A 300 -8.44 22.80 -19.57
N THR A 301 -9.65 22.67 -19.02
CA THR A 301 -10.18 21.43 -18.54
C THR A 301 -11.52 21.27 -19.22
N THR A 302 -11.85 20.06 -19.64
CA THR A 302 -13.16 19.80 -20.24
C THR A 302 -14.16 19.63 -19.11
N PRO A 303 -15.33 20.28 -19.20
CA PRO A 303 -16.24 20.18 -18.07
C PRO A 303 -16.71 18.76 -17.75
N SER A 304 -16.83 18.47 -16.47
CA SER A 304 -17.39 17.20 -16.02
C SER A 304 -18.89 17.30 -16.20
N LEU A 305 -19.53 16.20 -16.52
CA LEU A 305 -20.92 16.23 -17.00
C LEU A 305 -21.92 15.49 -16.12
N PRO A 307 -26.44 14.74 -16.18
CA PRO A 307 -27.62 14.96 -17.04
C PRO A 307 -28.39 16.16 -16.67
N ASN A 308 -29.33 16.51 -17.53
CA ASN A 308 -30.42 17.35 -17.16
C ASN A 308 -31.26 16.53 -16.19
N PRO A 309 -31.42 16.99 -14.95
CA PRO A 309 -32.15 16.22 -13.95
C PRO A 309 -33.55 15.84 -14.35
N ALA A 310 -34.24 16.70 -15.09
CA ALA A 310 -35.59 16.40 -15.54
C ALA A 310 -35.65 15.20 -16.47
N GLU A 311 -34.53 14.83 -17.05
CA GLU A 311 -34.51 13.71 -17.99
C GLU A 311 -34.14 12.40 -17.33
N THR A 313 -34.12 9.06 -14.94
CA THR A 313 -35.04 8.10 -14.33
C THR A 313 -34.55 7.70 -12.96
N THR A 314 -35.39 7.02 -12.20
CA THR A 314 -34.97 6.61 -10.86
C THR A 314 -33.80 5.64 -10.87
N TRP A 315 -33.80 4.72 -11.81
CA TRP A 315 -32.73 3.74 -11.90
C TRP A 315 -31.41 4.42 -12.31
N GLU A 316 -31.50 5.34 -13.24
CA GLU A 316 -30.35 6.13 -13.67
C GLU A 316 -29.79 6.89 -12.47
N LEU A 317 -30.70 7.47 -11.69
CA LEU A 317 -30.31 8.22 -10.49
C LEU A 317 -29.54 7.39 -9.48
N ALA A 318 -30.07 6.20 -9.27
CA ALA A 318 -29.47 5.21 -8.36
C ALA A 318 -28.07 4.96 -8.79
N TRP A 319 -27.86 4.72 -10.08
CA TRP A 319 -26.51 4.47 -10.54
C TRP A 319 -25.60 5.70 -10.52
N ALA A 320 -26.14 6.88 -10.85
CA ALA A 320 -25.34 8.07 -10.92
C ALA A 320 -24.80 8.37 -9.56
N SER A 321 -25.58 8.05 -8.54
CA SER A 321 -25.15 8.40 -7.20
C SER A 321 -24.02 7.47 -6.71
N CYS A 322 -23.78 6.38 -7.42
CA CYS A 322 -22.61 5.52 -7.19
C CYS A 322 -21.47 5.82 -8.19
N GLY A 323 -21.64 6.87 -8.99
CA GLY A 323 -20.63 7.21 -9.97
C GLY A 323 -20.64 6.57 -11.34
N LEU A 324 -21.75 5.94 -11.70
CA LEU A 324 -21.89 5.27 -12.97
C LEU A 324 -22.94 5.90 -13.89
N PRO A 325 -22.49 6.38 -15.06
CA PRO A 325 -23.40 7.03 -15.96
C PRO A 325 -24.12 6.04 -16.80
N VAL A 326 -25.44 5.87 -16.60
CA VAL A 326 -26.21 4.92 -17.41
C VAL A 326 -27.38 5.52 -18.16
N GLY A 327 -27.49 6.84 -18.21
CA GLY A 327 -28.66 7.51 -18.75
C GLY A 327 -28.80 7.38 -20.25
N GLU A 328 -30.03 7.52 -20.73
CA GLU A 328 -30.33 7.50 -22.17
C GLU A 328 -31.36 8.58 -22.46
N HIS A 329 -30.90 9.72 -22.97
CA HIS A 329 -31.76 10.89 -23.12
C HIS A 329 -30.96 11.88 -23.88
N ALA A 330 -31.56 13.02 -24.22
CA ALA A 330 -30.85 14.04 -25.02
C ALA A 330 -29.60 14.60 -24.34
N SER A 331 -29.68 14.87 -23.04
CA SER A 331 -28.53 15.38 -22.31
C SER A 331 -27.53 14.26 -22.07
N PRO A 332 -26.31 14.61 -21.75
CA PRO A 332 -25.30 13.60 -21.48
C PRO A 332 -25.62 12.68 -20.30
N ALA A 333 -25.25 11.41 -20.37
CA ALA A 333 -25.21 10.57 -19.17
C ALA A 333 -24.19 11.14 -18.17
N GLY A 334 -24.37 10.87 -16.89
CA GLY A 334 -23.35 11.31 -15.93
C GLY A 334 -23.48 10.54 -14.65
N PRO A 335 -22.52 10.71 -13.74
CA PRO A 335 -21.39 11.60 -13.93
C PRO A 335 -20.31 11.08 -14.87
N GLN A 336 -19.71 12.03 -15.57
CA GLN A 336 -18.45 11.85 -16.28
C GLN A 336 -17.51 12.90 -15.76
N THR A 337 -16.35 12.47 -15.31
CA THR A 337 -15.42 13.36 -14.57
C THR A 337 -14.05 13.46 -15.18
N THR A 338 -13.39 14.56 -14.93
CA THR A 338 -11.93 14.60 -15.08
C THR A 338 -11.26 14.31 -13.75
N VAL A 339 -10.00 13.91 -13.80
CA VAL A 339 -9.25 13.78 -12.61
C VAL A 339 -9.11 15.12 -11.89
N GLN A 341 -11.26 17.55 -11.78
CA GLN A 341 -12.54 17.76 -11.06
C GLN A 341 -12.58 16.94 -9.79
N ASN A 342 -12.04 15.71 -9.84
CA ASN A 342 -12.01 14.91 -8.64
C ASN A 342 -11.14 15.56 -7.57
N ALA A 343 -10.01 16.17 -7.98
CA ALA A 343 -9.16 16.92 -7.05
C ALA A 343 -9.93 18.10 -6.46
N VAL A 344 -10.67 18.82 -7.30
CA VAL A 344 -11.42 19.98 -6.83
C VAL A 344 -12.42 19.64 -5.75
N ILE A 345 -13.10 18.50 -5.91
CA ILE A 345 -13.98 17.98 -4.88
C ILE A 345 -13.25 17.65 -3.60
N ALA A 346 -12.17 16.89 -3.69
CA ALA A 346 -11.44 16.58 -2.45
C ALA A 346 -10.97 17.88 -1.80
N ALA A 347 -10.55 18.84 -2.60
CA ALA A 347 -10.04 20.10 -2.05
C ALA A 347 -11.13 20.88 -1.33
N ALA A 348 -12.33 20.90 -1.92
CA ALA A 348 -13.47 21.61 -1.32
C ALA A 348 -13.83 20.98 0.03
N ILE A 349 -13.81 19.65 0.10
CA ILE A 349 -14.03 18.96 1.36
C ILE A 349 -12.94 19.25 2.40
N ALA A 350 -11.69 19.24 1.96
CA ALA A 350 -10.56 19.57 2.80
C ALA A 350 -10.55 21.03 3.25
N ASN A 351 -11.16 21.92 2.49
CA ASN A 351 -11.16 23.39 2.73
C ASN A 351 -12.50 23.93 3.23
N GLY A 352 -13.15 23.17 4.10
CA GLY A 352 -14.39 23.61 4.72
C GLY A 352 -15.55 23.90 3.80
N GLY A 353 -15.53 23.27 2.62
CA GLY A 353 -16.66 23.34 1.66
C GLY A 353 -16.54 24.39 0.57
N VAL A 354 -15.43 25.13 0.58
CA VAL A 354 -15.21 26.21 -0.32
C VAL A 354 -14.43 25.66 -1.50
N VAL A 355 -15.04 25.77 -2.69
CA VAL A 355 -14.52 25.26 -3.93
C VAL A 355 -13.59 26.29 -4.53
N ASN A 357 -11.26 27.63 -7.80
CA ASN A 357 -10.94 27.41 -9.23
C ASN A 357 -9.43 27.15 -9.37
N PRO A 358 -9.05 25.94 -9.81
CA PRO A 358 -7.61 25.67 -9.74
C PRO A 358 -6.80 26.47 -10.73
N TYR A 359 -5.51 26.63 -10.45
CA TYR A 359 -4.67 27.40 -11.31
C TYR A 359 -3.30 26.83 -11.31
N ILE A 360 -2.59 27.11 -12.40
CA ILE A 360 -1.25 26.60 -12.58
C ILE A 360 -0.17 27.63 -12.82
N VAL A 361 -0.52 28.89 -13.04
CA VAL A 361 0.50 29.95 -13.12
C VAL A 361 0.59 30.73 -11.80
N ASP A 362 1.76 30.75 -11.17
CA ASP A 362 1.90 31.56 -9.95
C ASP A 362 1.97 33.01 -10.28
N ARG A 363 2.87 33.33 -11.22
CA ARG A 363 3.18 34.71 -11.58
C ARG A 363 3.85 34.84 -12.95
N VAL A 364 3.77 36.05 -13.48
CA VAL A 364 4.44 36.44 -14.72
C VAL A 364 5.59 37.39 -14.43
N LEU A 365 6.70 37.15 -15.09
CA LEU A 365 7.93 37.87 -14.86
C LEU A 365 8.29 38.59 -16.14
N SER A 366 8.64 39.87 -16.02
CA SER A 366 9.14 40.63 -17.15
C SER A 366 10.49 40.05 -17.52
N PRO A 367 10.92 40.29 -18.76
CA PRO A 367 12.23 39.87 -19.27
C PRO A 367 13.41 40.06 -18.33
N GLU A 368 13.45 41.13 -17.55
CA GLU A 368 14.58 41.37 -16.65
C GLU A 368 14.29 40.89 -15.23
N GLY A 369 13.21 40.11 -15.08
CA GLY A 369 12.94 39.43 -13.83
C GLY A 369 12.08 40.19 -12.85
N ALA A 370 11.29 41.14 -13.32
CA ALA A 370 10.36 41.82 -12.43
C ALA A 370 9.03 41.09 -12.44
N VAL A 371 8.30 41.17 -11.34
CA VAL A 371 6.96 40.62 -11.28
C VAL A 371 5.96 41.53 -11.99
N VAL A 372 5.38 41.04 -13.07
CA VAL A 372 4.40 41.75 -13.86
C VAL A 372 3.04 41.59 -13.21
N SER A 373 2.74 40.38 -12.75
CA SER A 373 1.45 40.08 -12.13
C SER A 373 1.50 38.74 -11.39
N THR A 374 0.51 38.54 -10.52
CA THR A 374 0.46 37.39 -9.68
C THR A 374 -0.97 36.88 -9.74
N THR A 375 -1.11 35.56 -9.82
CA THR A 375 -2.44 34.98 -9.86
C THR A 375 -3.06 35.11 -8.46
N SER A 376 -4.34 35.43 -8.39
CA SER A 376 -5.03 35.38 -7.13
C SER A 376 -5.94 34.14 -7.09
N PRO A 377 -5.98 33.47 -5.92
CA PRO A 377 -6.90 32.33 -5.76
C PRO A 377 -8.31 32.85 -5.91
N LYS A 378 -9.19 32.09 -6.52
CA LYS A 378 -10.57 32.55 -6.64
C LYS A 378 -11.52 31.41 -6.34
N SER A 379 -12.57 31.69 -5.58
CA SER A 379 -13.54 30.65 -5.21
C SER A 379 -14.61 30.52 -6.27
N LEU A 380 -15.10 29.31 -6.47
CA LEU A 380 -16.29 29.06 -7.29
C LEU A 380 -17.53 28.89 -6.42
N GLY A 381 -17.42 29.21 -5.13
CA GLY A 381 -18.56 29.17 -4.23
C GLY A 381 -18.42 28.16 -3.11
N GLN A 382 -19.45 28.08 -2.27
CA GLN A 382 -19.44 27.20 -1.14
C GLN A 382 -20.37 26.09 -1.47
N ALA A 383 -19.83 24.90 -1.74
CA ALA A 383 -20.66 23.82 -2.20
C ALA A 383 -21.46 23.16 -1.10
N VAL A 384 -20.88 23.10 0.11
CA VAL A 384 -21.54 22.52 1.29
C VAL A 384 -21.06 23.34 2.47
N SER A 385 -21.80 23.29 3.57
CA SER A 385 -21.39 23.99 4.77
C SER A 385 -20.12 23.41 5.33
N ALA A 386 -19.50 24.20 6.20
CA ALA A 386 -18.33 23.74 6.92
C ALA A 386 -18.63 22.51 7.77
N ASP A 387 -19.80 22.49 8.39
CA ASP A 387 -20.21 21.35 9.17
C ASP A 387 -20.30 20.10 8.29
N THR A 388 -20.94 20.24 7.12
CA THR A 388 -21.00 19.11 6.21
C THR A 388 -19.61 18.61 5.79
N ALA A 389 -18.75 19.54 5.42
CA ALA A 389 -17.39 19.17 5.05
C ALA A 389 -16.67 18.41 6.11
N ALA A 390 -16.80 18.81 7.39
CA ALA A 390 -16.10 18.10 8.47
C ALA A 390 -16.61 16.67 8.59
N GLN A 391 -17.91 16.47 8.40
CA GLN A 391 -18.46 15.13 8.36
C GLN A 391 -17.93 14.29 7.21
N VAL A 392 -17.87 14.89 6.04
CA VAL A 392 -17.38 14.13 4.89
C VAL A 392 -15.91 13.79 5.10
N ARG A 393 -15.11 14.71 5.68
CA ARG A 393 -13.72 14.43 5.98
C ARG A 393 -13.57 13.25 6.89
N GLU A 394 -14.42 13.23 7.93
CA GLU A 394 -14.44 12.11 8.87
C GLU A 394 -14.78 10.80 8.22
N ALA A 395 -15.73 10.82 7.31
CA ALA A 395 -16.12 9.63 6.59
C ALA A 395 -14.97 9.14 5.70
N LEU A 397 -11.81 9.65 6.33
CA LEU A 397 -10.75 9.07 7.16
C LEU A 397 -11.04 7.58 7.37
N GLY A 398 -12.32 7.27 7.58
CA GLY A 398 -12.79 5.91 7.76
C GLY A 398 -12.46 5.02 6.60
N VAL A 399 -12.66 5.56 5.40
CA VAL A 399 -12.25 4.84 4.19
C VAL A 399 -10.79 4.31 4.28
N VAL A 400 -9.88 5.14 4.74
CA VAL A 400 -8.47 4.78 4.75
C VAL A 400 -8.10 4.00 6.01
N GLU A 401 -8.69 4.37 7.14
CA GLU A 401 -8.37 3.65 8.38
C GLU A 401 -8.98 2.26 8.46
N SER A 402 -10.17 2.05 7.92
CA SER A 402 -10.80 0.76 8.09
C SER A 402 -11.63 0.21 6.91
N GLY A 403 -11.66 0.90 5.79
CA GLY A 403 -12.44 0.44 4.64
C GLY A 403 -11.59 0.13 3.42
N THR A 404 -12.08 0.52 2.26
CA THR A 404 -11.47 0.15 1.02
C THR A 404 -10.16 0.87 0.69
N GLY A 405 -9.77 1.88 1.46
CA GLY A 405 -8.59 2.68 1.19
C GLY A 405 -7.38 2.41 2.06
N GLY A 407 -4.84 0.61 1.54
CA GLY A 407 -3.60 0.75 0.79
C GLY A 407 -3.00 2.17 0.73
N ALA A 408 -3.81 3.17 1.04
CA ALA A 408 -3.33 4.54 1.13
C ALA A 408 -2.71 4.90 2.47
N ARG A 409 -2.80 4.01 3.45
CA ARG A 409 -2.21 4.32 4.75
C ARG A 409 -0.73 4.55 4.68
N VAL A 410 -0.29 5.52 5.46
CA VAL A 410 1.09 5.87 5.60
C VAL A 410 1.40 5.93 7.08
N PRO A 411 2.26 5.04 7.56
CA PRO A 411 2.48 5.04 9.00
C PRO A 411 2.87 6.44 9.51
N GLY A 412 2.29 6.86 10.62
CA GLY A 412 2.64 8.13 11.24
C GLY A 412 2.01 9.37 10.64
N VAL A 413 1.11 9.22 9.67
CA VAL A 413 0.33 10.35 9.23
C VAL A 413 -1.10 9.91 8.91
N LYS A 414 -2.05 10.78 9.24
CA LYS A 414 -3.45 10.48 9.02
C LYS A 414 -3.81 10.93 7.60
N ILE A 415 -4.15 9.95 6.78
CA ILE A 415 -4.55 10.19 5.40
C ILE A 415 -6.02 9.84 5.30
N ALA A 416 -6.81 10.67 4.60
CA ALA A 416 -8.22 10.41 4.33
C ALA A 416 -8.50 10.43 2.83
N GLY A 417 -9.53 9.73 2.40
CA GLY A 417 -9.82 9.64 0.99
C GLY A 417 -11.05 8.89 0.63
N LYS A 418 -11.30 8.77 -0.66
CA LYS A 418 -12.32 7.90 -1.20
C LYS A 418 -11.79 7.23 -2.46
N THR A 419 -12.05 5.93 -2.53
CA THR A 419 -11.62 5.12 -3.59
C THR A 419 -12.73 4.94 -4.56
N GLY A 420 -12.38 4.51 -5.77
CA GLY A 420 -13.38 3.88 -6.63
C GLY A 420 -12.89 2.94 -7.68
N THR A 421 -13.82 2.14 -8.23
CA THR A 421 -13.50 1.24 -9.32
C THR A 421 -14.62 1.23 -10.36
N ALA A 422 -14.27 1.46 -11.62
CA ALA A 422 -15.29 1.59 -12.66
C ALA A 422 -14.97 0.64 -13.80
N ASP A 423 -15.99 -0.12 -14.19
CA ASP A 423 -15.86 -1.07 -15.29
C ASP A 423 -15.90 -0.24 -16.58
N VAL A 424 -14.94 -0.45 -17.49
CA VAL A 424 -14.87 0.32 -18.75
C VAL A 424 -14.57 -0.55 -19.98
N GLY A 427 -13.73 -5.86 -20.44
CA GLY A 427 -13.23 -6.43 -19.20
C GLY A 427 -12.17 -5.57 -18.53
N ASN A 428 -12.21 -4.27 -18.82
CA ASN A 428 -11.21 -3.32 -18.30
C ASN A 428 -11.85 -2.52 -17.20
N PHE A 429 -11.06 -2.16 -16.19
CA PHE A 429 -11.55 -1.29 -15.16
C PHE A 429 -10.46 -0.34 -14.72
N ASN A 430 -10.90 0.81 -14.25
CA ASN A 430 -10.02 1.90 -13.83
C ASN A 430 -10.13 2.02 -12.32
N SER A 431 -9.08 2.47 -11.68
CA SER A 431 -9.04 2.57 -10.23
C SER A 431 -8.83 4.03 -9.91
N PHE A 432 -9.65 4.58 -8.99
CA PHE A 432 -9.64 5.99 -8.65
C PHE A 432 -9.34 6.12 -7.19
N PHE A 433 -8.74 7.25 -6.85
CA PHE A 433 -8.60 7.69 -5.50
C PHE A 433 -8.52 9.21 -5.44
N ILE A 434 -9.30 9.79 -4.53
CA ILE A 434 -9.10 11.17 -4.11
C ILE A 434 -8.85 11.17 -2.62
N GLY A 435 -8.00 12.08 -2.18
CA GLY A 435 -7.68 12.16 -0.79
C GLY A 435 -6.92 13.39 -0.41
N PHE A 436 -6.71 13.55 0.89
CA PHE A 436 -5.99 14.69 1.41
C PHE A 436 -5.26 14.36 2.67
N ALA A 437 -4.34 15.24 3.05
CA ALA A 437 -3.50 15.01 4.21
C ALA A 437 -2.80 16.29 4.64
N PRO A 438 -2.38 16.37 5.92
CA PRO A 438 -2.83 15.46 7.00
C PRO A 438 -4.30 15.66 7.29
N TYR A 439 -4.95 14.65 7.86
CA TYR A 439 -6.40 14.78 8.17
C TYR A 439 -6.80 16.07 8.91
N ASP A 440 -6.08 16.36 9.98
CA ASP A 440 -6.17 17.64 10.68
C ASP A 440 -5.36 18.69 9.93
N HIS A 441 -5.98 19.77 9.54
CA HIS A 441 -5.28 20.83 8.81
C HIS A 441 -4.61 20.32 7.50
N PRO A 442 -5.42 19.87 6.54
CA PRO A 442 -4.87 19.35 5.30
C PRO A 442 -4.05 20.38 4.59
N THR A 443 -2.91 20.00 4.06
CA THR A 443 -2.13 20.91 3.19
C THR A 443 -1.93 20.37 1.76
N LEU A 444 -2.50 19.20 1.47
CA LEU A 444 -2.37 18.58 0.18
C LEU A 444 -3.59 17.75 -0.12
N VAL A 445 -3.92 17.71 -1.41
CA VAL A 445 -4.98 16.91 -1.97
C VAL A 445 -4.39 16.16 -3.15
N VAL A 446 -4.84 14.92 -3.36
CA VAL A 446 -4.43 14.11 -4.48
C VAL A 446 -5.63 13.53 -5.18
N SER A 447 -5.52 13.42 -6.50
CA SER A 447 -6.54 12.77 -7.32
C SER A 447 -5.79 11.91 -8.33
N VAL A 448 -6.20 10.64 -8.40
CA VAL A 448 -5.52 9.63 -9.17
C VAL A 448 -6.53 8.83 -9.97
N VAL A 449 -6.17 8.52 -11.23
CA VAL A 449 -6.77 7.38 -11.95
C VAL A 449 -5.63 6.49 -12.46
N ILE A 450 -5.79 5.17 -12.28
CA ILE A 450 -4.93 4.17 -12.91
C ILE A 450 -5.82 3.36 -13.81
N GLU A 451 -5.53 3.36 -15.11
CA GLU A 451 -6.38 2.67 -16.07
C GLU A 451 -5.95 1.21 -16.13
N GLY A 452 -6.94 0.31 -16.16
CA GLY A 452 -6.66 -1.12 -16.16
C GLY A 452 -6.09 -1.57 -17.49
N ASN A 453 -6.79 -1.13 -18.55
CA ASN A 453 -6.53 -1.60 -19.92
C ASN A 453 -6.74 -3.13 -19.91
N GLY A 454 -5.67 -3.87 -20.12
CA GLY A 454 -5.73 -5.31 -19.87
C GLY A 454 -5.78 -5.72 -18.41
N GLU A 455 -4.96 -5.10 -17.57
CA GLU A 455 -4.68 -5.60 -16.22
C GLU A 455 -5.82 -5.34 -15.21
N ASN A 456 -5.86 -6.18 -14.18
CA ASN A 456 -6.62 -5.88 -12.97
C ASN A 456 -5.79 -4.88 -12.13
N VAL A 457 -6.35 -3.70 -11.88
CA VAL A 457 -5.67 -2.68 -11.05
C VAL A 457 -6.49 -2.30 -9.81
N LEU A 458 -7.26 -3.26 -9.32
CA LEU A 458 -8.05 -2.99 -8.12
C LEU A 458 -7.21 -2.48 -6.96
N GLY A 459 -7.58 -1.32 -6.44
CA GLY A 459 -6.92 -0.75 -5.27
C GLY A 459 -5.66 0.04 -5.58
N TYR A 460 -5.25 0.09 -6.84
CA TYR A 460 -3.97 0.73 -7.18
C TYR A 460 -4.03 2.23 -6.98
N GLY A 461 -5.19 2.81 -7.26
CA GLY A 461 -5.29 4.26 -7.12
C GLY A 461 -5.00 4.70 -5.69
N ALA A 462 -5.51 3.95 -4.73
CA ALA A 462 -5.24 4.27 -3.35
C ALA A 462 -3.78 4.09 -2.97
N GLN A 463 -3.15 3.02 -3.43
CA GLN A 463 -1.73 2.82 -3.10
C GLN A 463 -0.87 3.91 -3.70
N VAL A 464 -1.19 4.30 -4.93
CA VAL A 464 -0.50 5.40 -5.56
C VAL A 464 -0.74 6.72 -4.83
N GLY A 465 -2.00 6.96 -4.46
CA GLY A 465 -2.40 8.19 -3.74
C GLY A 465 -1.71 8.39 -2.40
N GLY A 466 -1.64 7.34 -1.59
CA GLY A 466 -0.98 7.44 -0.31
C GLY A 466 0.49 7.66 -0.49
N ARG A 467 1.09 6.93 -1.41
CA ARG A 467 2.55 7.10 -1.70
C ARG A 467 2.89 8.56 -2.11
N VAL A 468 2.12 9.07 -3.07
CA VAL A 468 2.34 10.43 -3.57
C VAL A 468 2.13 11.43 -2.42
N LEU A 469 1.06 11.30 -1.64
CA LEU A 469 0.85 12.20 -0.52
C LEU A 469 2.00 12.18 0.47
N ALA A 470 2.47 10.99 0.85
CA ALA A 470 3.55 10.88 1.81
C ALA A 470 4.79 11.58 1.31
N GLN A 471 5.17 11.34 0.06
CA GLN A 471 6.40 11.93 -0.45
C GLN A 471 6.23 13.44 -0.65
N CYS A 472 5.03 13.86 -1.07
CA CYS A 472 4.80 15.31 -1.20
C CYS A 472 4.77 16.05 0.15
N LEU A 473 4.26 15.42 1.20
CA LEU A 473 4.36 16.00 2.56
C LEU A 473 5.79 16.21 3.03
N ASN A 474 6.66 15.25 2.76
CA ASN A 474 8.06 15.40 3.12
C ASN A 474 8.74 16.49 2.32
N ILE A 475 8.33 16.64 1.06
CA ILE A 475 8.85 17.72 0.26
C ILE A 475 8.41 19.05 0.84
N GLN A 476 7.09 19.18 1.10
CA GLN A 476 6.55 20.33 1.80
C GLN A 476 7.31 20.66 3.05
N ALA A 477 7.77 19.65 3.77
CA ALA A 477 8.39 19.86 5.08
C ALA A 477 9.76 20.52 4.98
N LEU A 478 10.49 20.31 3.88
CA LEU A 478 11.86 20.84 3.75
C LEU A 478 11.95 22.37 3.76
N SER B 51 26.11 -7.31 42.60
CA SER B 51 24.64 -7.49 42.73
C SER B 51 23.89 -6.79 41.58
N ALA B 52 23.13 -5.73 41.88
CA ALA B 52 22.52 -4.84 40.87
C ALA B 52 23.25 -3.48 40.83
N TYR B 53 24.52 -3.49 41.24
CA TYR B 53 25.42 -2.34 41.13
C TYR B 53 26.27 -2.44 39.87
N VAL B 54 26.04 -3.49 39.08
CA VAL B 54 26.82 -3.75 37.88
C VAL B 54 25.93 -3.39 36.72
N GLN B 55 26.39 -2.46 35.89
CA GLN B 55 25.56 -1.97 34.80
C GLN B 55 25.31 -2.99 33.68
N ARG B 56 24.07 -3.05 33.23
CA ARG B 56 23.67 -3.95 32.16
C ARG B 56 23.89 -3.19 30.85
N GLY B 57 24.38 -3.90 29.83
CA GLY B 57 24.56 -3.28 28.51
C GLY B 57 23.25 -2.89 27.84
N ALA B 58 23.35 -2.11 26.78
CA ALA B 58 22.20 -1.57 26.08
C ALA B 58 21.69 -2.54 25.00
N ILE B 59 20.43 -2.36 24.57
CA ILE B 59 19.90 -3.02 23.36
C ILE B 59 19.52 -1.98 22.32
N ILE B 60 20.17 -2.07 21.17
CA ILE B 60 20.11 -1.08 20.10
C ILE B 60 19.73 -1.69 18.75
N THR B 61 18.90 -1.02 17.96
CA THR B 61 18.56 -1.45 16.59
C THR B 61 19.72 -1.24 15.63
N SER B 62 19.67 -1.90 14.46
CA SER B 62 20.74 -1.76 13.45
C SER B 62 20.96 -0.32 13.00
N ASP B 63 19.89 0.48 13.00
CA ASP B 63 19.98 1.86 12.58
C ASP B 63 20.17 2.83 13.75
N GLY B 64 20.54 2.33 14.92
CA GLY B 64 21.04 3.14 16.01
C GLY B 64 20.03 3.60 17.04
N VAL B 65 18.86 2.96 17.10
CA VAL B 65 17.86 3.36 18.07
C VAL B 65 17.97 2.50 19.32
N THR B 66 18.22 3.14 20.45
CA THR B 66 18.37 2.43 21.72
C THR B 66 16.99 2.10 22.24
N LEU B 67 16.79 0.82 22.52
CA LEU B 67 15.51 0.36 23.02
C LEU B 67 15.53 -0.13 24.46
N ALA B 68 16.71 -0.42 25.01
CA ALA B 68 16.89 -0.70 26.44
C ALA B 68 18.26 -0.27 26.91
N GLU B 69 18.34 0.22 28.16
CA GLU B 69 19.61 0.64 28.74
C GLU B 69 19.48 0.74 30.27
N SER B 70 20.61 0.74 30.97
CA SER B 70 20.60 0.85 32.40
C SER B 70 21.17 2.19 32.83
N VAL B 71 20.47 2.80 33.78
CA VAL B 71 20.80 4.13 34.24
C VAL B 71 21.17 4.12 35.74
N LYS B 72 22.38 4.57 36.00
CA LYS B 72 22.96 4.59 37.33
C LYS B 72 22.19 5.56 38.22
N GLN B 73 21.84 5.10 39.40
CA GLN B 73 21.22 5.99 40.38
C GLN B 73 22.20 6.41 41.44
N ASP B 74 21.78 7.38 42.26
CA ASP B 74 22.60 7.93 43.35
C ASP B 74 22.76 6.93 44.48
N ASP B 75 21.74 6.09 44.64
CA ASP B 75 21.81 4.83 45.38
C ASP B 75 23.07 3.96 45.12
N GLY B 76 23.68 4.09 43.94
CA GLY B 76 24.77 3.19 43.50
C GLY B 76 24.29 2.23 42.42
N THR B 77 23.06 1.73 42.59
CA THR B 77 22.45 0.76 41.66
C THR B 77 22.07 1.35 40.30
N TYR B 78 21.59 0.46 39.43
CA TYR B 78 21.09 0.83 38.10
C TYR B 78 19.62 0.43 37.96
N VAL B 79 18.86 1.25 37.23
CA VAL B 79 17.50 0.87 36.84
C VAL B 79 17.45 0.68 35.32
N ARG B 80 16.63 -0.28 34.92
CA ARG B 80 16.48 -0.61 33.51
C ARG B 80 15.47 0.37 32.89
N ASN B 81 15.92 1.07 31.87
CA ASN B 81 15.09 2.02 31.13
C ASN B 81 14.76 1.49 29.71
N TYR B 82 13.54 1.70 29.26
CA TYR B 82 13.10 1.30 27.93
C TYR B 82 12.65 2.50 27.07
N PRO B 83 13.57 3.19 26.41
CA PRO B 83 13.19 4.25 25.47
C PRO B 83 12.35 3.72 24.30
N HIS B 84 11.57 4.60 23.69
CA HIS B 84 10.56 4.22 22.71
C HIS B 84 9.77 3.01 23.18
N ASP B 85 9.43 3.01 24.46
CA ASP B 85 8.75 1.92 25.08
C ASP B 85 7.54 1.51 24.26
N GLY B 86 7.45 0.23 23.93
CA GLY B 86 6.39 -0.23 23.03
C GLY B 86 6.91 -0.70 21.70
N ALA B 88 9.02 -3.03 19.39
CA ALA B 88 9.60 -4.37 19.44
C ALA B 88 9.66 -4.94 20.86
N SER B 89 8.58 -4.76 21.60
CA SER B 89 8.52 -5.16 22.99
C SER B 89 8.92 -6.63 23.20
N HIS B 90 8.31 -7.55 22.44
CA HIS B 90 8.52 -8.99 22.72
C HIS B 90 9.92 -9.37 22.40
N THR B 91 10.52 -8.66 21.44
CA THR B 91 11.85 -8.97 20.98
C THR B 91 12.87 -8.42 21.95
N VAL B 92 12.64 -7.19 22.36
CA VAL B 92 13.47 -6.63 23.40
C VAL B 92 13.36 -7.45 24.69
N GLY B 93 12.13 -7.70 25.10
CA GLY B 93 11.91 -8.56 26.27
C GLY B 93 12.04 -7.85 27.62
N TYR B 94 12.22 -8.66 28.66
CA TYR B 94 12.15 -8.21 30.04
C TYR B 94 12.64 -9.30 30.97
N ILE B 95 12.99 -8.90 32.17
CA ILE B 95 13.26 -9.78 33.29
C ILE B 95 12.30 -9.33 34.41
N SER B 96 11.25 -10.10 34.67
CA SER B 96 10.20 -9.77 35.66
C SER B 96 9.96 -10.96 36.58
N THR B 97 10.00 -10.75 37.88
CA THR B 97 9.73 -11.81 38.80
C THR B 97 8.35 -12.39 38.53
N GLN B 98 7.39 -11.54 38.25
CA GLN B 98 6.01 -11.95 38.04
C GLN B 98 5.78 -12.59 36.69
N TYR B 99 6.28 -11.93 35.67
CA TYR B 99 5.96 -12.26 34.29
C TYR B 99 7.00 -13.13 33.61
N GLY B 100 8.14 -13.38 34.25
CA GLY B 100 9.16 -14.28 33.68
C GLY B 100 10.19 -13.45 32.91
N THR B 101 10.92 -14.12 32.05
CA THR B 101 11.94 -13.49 31.21
C THR B 101 11.63 -13.79 29.75
N ALA B 102 11.92 -12.84 28.87
CA ALA B 102 11.65 -13.01 27.46
C ALA B 102 12.63 -12.20 26.63
N GLY B 103 12.63 -12.48 25.34
CA GLY B 103 13.37 -11.74 24.35
C GLY B 103 14.85 -11.65 24.61
N ILE B 104 15.44 -10.57 24.11
CA ILE B 104 16.90 -10.38 24.17
C ILE B 104 17.35 -10.24 25.59
N GLU B 105 16.55 -9.61 26.43
CA GLU B 105 16.87 -9.58 27.86
C GLU B 105 17.11 -11.01 28.36
N SER B 106 16.28 -11.95 27.94
CA SER B 106 16.47 -13.34 28.31
C SER B 106 17.62 -13.94 27.50
N SER B 107 17.45 -14.02 26.17
CA SER B 107 18.39 -14.82 25.36
C SER B 107 19.86 -14.37 25.46
N ASN B 109 21.00 -12.50 28.04
CA ASN B 109 21.15 -12.08 29.40
C ASN B 109 22.62 -12.14 29.88
N GLU B 110 23.26 -13.29 29.59
CA GLU B 110 24.68 -13.54 29.92
C GLU B 110 25.60 -12.41 29.48
N THR B 111 25.47 -12.05 28.20
CA THR B 111 26.25 -11.00 27.55
C THR B 111 25.96 -9.60 28.07
N LEU B 112 24.69 -9.28 28.29
CA LEU B 112 24.34 -7.95 28.82
C LEU B 112 24.71 -7.89 30.30
N THR B 113 24.59 -9.02 30.99
CA THR B 113 25.18 -9.14 32.33
C THR B 113 26.72 -9.13 32.17
N SER B 119 34.65 -14.94 41.38
CA SER B 119 35.97 -15.37 40.91
C SER B 119 37.11 -14.46 41.43
N ASP B 120 37.24 -13.24 40.91
CA ASP B 120 38.38 -12.36 41.28
C ASP B 120 38.14 -11.53 42.56
N TRP B 121 39.24 -11.16 43.19
CA TRP B 121 39.26 -10.52 44.53
C TRP B 121 38.36 -9.30 44.70
N ARG B 122 38.12 -8.56 43.63
CA ARG B 122 37.23 -7.43 43.70
C ARG B 122 35.76 -7.79 43.84
N SER B 123 35.39 -9.01 43.47
CA SER B 123 34.00 -9.47 43.61
C SER B 123 33.48 -9.47 45.04
N ALA B 124 34.38 -9.52 46.01
CA ALA B 124 34.00 -9.46 47.41
C ALA B 124 33.55 -8.06 47.84
N LEU B 125 33.93 -7.02 47.11
CA LEU B 125 33.60 -5.65 47.51
C LEU B 125 32.50 -5.09 46.65
N TYR B 126 31.34 -4.82 47.24
CA TYR B 126 30.25 -4.32 46.45
C TYR B 126 30.57 -2.92 45.96
N SER B 127 31.38 -2.18 46.72
CA SER B 127 31.78 -0.82 46.34
C SER B 127 32.61 -0.81 45.07
N ALA B 129 32.00 -3.16 42.52
CA ALA B 129 31.19 -3.77 41.47
C ALA B 129 31.00 -2.85 40.23
N GLY B 130 30.85 -1.55 40.46
CA GLY B 130 30.58 -0.63 39.37
C GLY B 130 31.79 -0.33 38.51
N ILE B 131 32.98 -0.52 39.08
CA ILE B 131 34.20 -0.02 38.49
C ILE B 131 34.67 -0.95 37.37
N ASN B 132 34.64 -2.24 37.63
CA ASN B 132 35.37 -3.16 36.77
C ASN B 132 34.59 -3.55 35.52
N THR B 133 33.39 -4.09 35.70
CA THR B 133 32.65 -4.64 34.59
C THR B 133 31.34 -3.93 34.35
N THR B 134 31.13 -3.57 33.10
CA THR B 134 29.82 -3.25 32.57
C THR B 134 29.45 -4.39 31.63
N GLY B 135 28.16 -4.61 31.45
CA GLY B 135 27.69 -5.56 30.45
C GLY B 135 28.03 -5.09 29.05
N SER B 136 28.02 -6.01 28.10
CA SER B 136 28.28 -5.66 26.71
C SER B 136 26.94 -5.22 26.13
N SER B 137 26.98 -4.47 25.04
CA SER B 137 25.77 -4.06 24.32
C SER B 137 25.45 -4.96 23.16
N VAL B 138 24.22 -4.87 22.73
CA VAL B 138 23.72 -5.75 21.71
C VAL B 138 23.09 -4.91 20.63
N VAL B 139 23.61 -5.11 19.40
CA VAL B 139 23.06 -4.46 18.24
C VAL B 139 22.26 -5.47 17.47
N LEU B 140 20.97 -5.20 17.34
CA LEU B 140 20.06 -6.10 16.67
C LEU B 140 20.10 -5.91 15.17
N THR B 141 19.59 -6.90 14.44
CA THR B 141 19.40 -6.80 13.00
C THR B 141 18.14 -6.06 12.70
N ILE B 142 17.33 -5.85 13.72
CA ILE B 142 16.09 -5.12 13.58
C ILE B 142 16.33 -3.67 13.13
N ASN B 143 15.64 -3.27 12.08
CA ASN B 143 15.63 -1.90 11.59
C ASN B 143 14.40 -1.14 12.11
N SER B 144 14.59 0.03 12.74
CA SER B 144 13.46 0.70 13.43
C SER B 144 12.35 1.18 12.49
N GLN B 145 12.73 1.52 11.28
CA GLN B 145 11.73 1.98 10.31
C GLN B 145 10.87 0.84 9.82
N GLN B 147 10.50 -1.91 11.46
CA GLN B 147 9.75 -2.30 12.66
C GLN B 147 8.46 -1.47 12.82
N ALA B 148 8.59 -0.16 12.65
CA ALA B 148 7.44 0.73 12.66
C ALA B 148 6.45 0.40 11.58
N VAL B 149 6.94 0.02 10.39
CA VAL B 149 6.06 -0.38 9.33
C VAL B 149 5.26 -1.60 9.77
N ALA B 150 5.94 -2.58 10.34
CA ALA B 150 5.26 -3.81 10.73
C ALA B 150 4.31 -3.55 11.89
N GLU B 151 4.68 -2.67 12.81
CA GLU B 151 3.76 -2.43 13.93
C GLU B 151 2.52 -1.69 13.49
N ALA B 152 2.67 -0.70 12.61
CA ALA B 152 1.50 0.03 12.08
C ALA B 152 0.58 -0.88 11.32
N ALA B 153 1.12 -1.91 10.66
CA ALA B 153 0.30 -2.79 9.84
C ALA B 153 -0.59 -3.69 10.70
N LEU B 154 -0.19 -3.90 11.94
CA LEU B 154 -0.96 -4.75 12.86
C LEU B 154 -1.99 -3.98 13.70
N GLN B 155 -1.97 -2.66 13.68
CA GLN B 155 -2.90 -1.88 14.53
C GLN B 155 -4.33 -2.31 14.25
N GLY B 156 -5.11 -2.54 15.30
CA GLY B 156 -6.48 -2.99 15.15
C GLY B 156 -6.62 -4.49 15.04
N TYR B 157 -5.51 -5.24 15.01
CA TYR B 157 -5.60 -6.67 14.85
C TYR B 157 -4.76 -7.38 15.88
N SER B 158 -5.08 -8.64 16.07
CA SER B 158 -4.18 -9.56 16.73
C SER B 158 -3.52 -10.37 15.65
N GLY B 159 -2.27 -10.70 15.89
CA GLY B 159 -1.48 -11.53 14.97
C GLY B 159 -0.03 -11.14 15.00
N SER B 160 0.69 -11.38 13.91
CA SER B 160 2.11 -11.10 13.91
C SER B 160 2.66 -11.01 12.50
N ILE B 161 3.82 -10.36 12.42
CA ILE B 161 4.54 -10.11 11.18
C ILE B 161 6.05 -10.33 11.40
N VAL B 162 6.69 -11.00 10.44
CA VAL B 162 8.15 -11.10 10.44
C VAL B 162 8.63 -10.68 9.07
N VAL B 163 9.67 -9.84 9.05
CA VAL B 163 10.32 -9.42 7.83
C VAL B 163 11.75 -9.90 7.91
N ASP B 165 15.64 -11.07 5.83
CA ASP B 165 16.54 -11.08 4.68
C ASP B 165 16.72 -12.50 4.19
N PRO B 166 16.32 -12.78 2.95
CA PRO B 166 16.31 -14.18 2.56
C PRO B 166 17.71 -14.83 2.42
N SER B 167 18.73 -14.03 2.17
CA SER B 167 20.02 -14.64 1.93
C SER B 167 20.73 -14.96 3.23
N THR B 168 20.34 -14.33 4.33
CA THR B 168 21.06 -14.51 5.62
C THR B 168 20.17 -15.05 6.72
N GLY B 169 18.86 -14.82 6.63
CA GLY B 169 17.96 -15.12 7.73
C GLY B 169 17.95 -14.05 8.79
N ALA B 170 18.56 -12.90 8.52
CA ALA B 170 18.52 -11.81 9.46
C ALA B 170 17.12 -11.29 9.59
N VAL B 171 16.67 -11.09 10.83
CA VAL B 171 15.32 -10.62 11.09
C VAL B 171 15.33 -9.09 11.20
N LEU B 172 14.68 -8.49 10.25
CA LEU B 172 14.68 -7.05 10.09
C LEU B 172 13.50 -6.33 10.76
N ALA B 173 12.38 -7.02 10.88
CA ALA B 173 11.26 -6.56 11.69
C ALA B 173 10.57 -7.78 12.25
N LYS B 174 10.03 -7.65 13.47
CA LYS B 174 9.42 -8.78 14.17
C LYS B 174 8.41 -8.15 15.12
N ALA B 175 7.12 -8.33 14.83
CA ALA B 175 6.11 -7.67 15.63
C ALA B 175 4.97 -8.60 15.93
N SER B 176 4.52 -8.52 17.17
CA SER B 176 3.35 -9.32 17.64
C SER B 176 2.28 -8.38 18.19
N SER B 177 1.01 -8.73 18.02
CA SER B 177 -0.10 -7.89 18.48
C SER B 177 -1.23 -8.77 19.05
N PRO B 178 -1.82 -8.37 20.19
CA PRO B 178 -1.57 -7.10 20.86
C PRO B 178 -0.24 -7.07 21.56
N SER B 179 0.26 -5.88 21.77
CA SER B 179 1.55 -5.71 22.42
C SER B 179 1.36 -5.07 23.80
N TYR B 180 2.47 -4.68 24.41
CA TYR B 180 2.45 -4.12 25.75
C TYR B 180 3.63 -3.18 25.84
N THR B 181 3.68 -2.36 26.88
CA THR B 181 4.87 -1.56 27.16
C THR B 181 5.53 -2.11 28.39
N HIS B 182 6.81 -1.86 28.53
CA HIS B 182 7.50 -2.21 29.78
C HIS B 182 6.93 -1.54 31.00
N ALA B 183 6.37 -0.34 30.81
CA ALA B 183 5.69 0.35 31.88
C ALA B 183 4.55 -0.49 32.43
N GLU B 184 3.74 -1.06 31.56
CA GLU B 184 2.62 -1.90 31.98
C GLU B 184 3.02 -3.17 32.71
N LEU B 185 4.27 -3.56 32.58
CA LEU B 185 4.76 -4.74 33.30
C LEU B 185 4.85 -4.43 34.80
N GLY B 186 4.99 -3.15 35.18
CA GLY B 186 4.91 -2.76 36.58
C GLY B 186 3.49 -2.76 37.16
N THR B 187 2.51 -3.31 36.44
CA THR B 187 1.12 -3.37 36.89
C THR B 187 0.55 -4.76 36.65
N ILE B 188 -0.76 -4.88 36.84
CA ILE B 188 -1.53 -6.05 36.44
C ILE B 188 -1.62 -6.12 34.91
N ILE B 189 -1.68 -7.35 34.40
CA ILE B 189 -2.30 -7.68 33.10
C ILE B 189 -2.45 -9.21 33.01
N GLU B 190 -3.03 -9.73 31.92
CA GLU B 190 -3.18 -11.18 31.72
C GLU B 190 -1.87 -11.92 32.01
N SER B 195 -3.11 -13.57 25.19
CA SER B 195 -2.56 -12.47 26.01
C SER B 195 -1.47 -11.66 25.29
N GLN B 196 -1.38 -10.38 25.67
CA GLN B 196 -0.34 -9.47 25.17
C GLN B 196 1.06 -10.00 25.28
N LEU B 197 1.32 -10.78 26.31
CA LEU B 197 2.69 -11.22 26.56
C LEU B 197 3.14 -12.36 25.65
N VAL B 198 2.20 -13.06 25.00
CA VAL B 198 2.53 -14.09 24.00
C VAL B 198 3.23 -13.48 22.78
N ASP B 199 4.42 -13.96 22.44
CA ASP B 199 5.09 -13.55 21.18
C ASP B 199 4.59 -14.43 20.05
N ARG B 200 3.62 -13.88 19.32
CA ARG B 200 2.99 -14.60 18.24
C ARG B 200 3.86 -14.78 17.00
N THR B 201 5.08 -14.24 16.96
CA THR B 201 5.96 -14.53 15.87
C THR B 201 6.64 -15.89 16.09
N THR B 202 6.88 -16.26 17.33
CA THR B 202 7.80 -17.37 17.61
C THR B 202 7.35 -18.37 18.68
N GLN B 203 6.35 -18.01 19.46
CA GLN B 203 6.01 -18.81 20.58
C GLN B 203 4.55 -19.13 20.64
N ALA B 204 3.90 -19.10 19.47
CA ALA B 204 2.52 -19.51 19.33
C ALA B 204 2.46 -20.35 18.09
N LEU B 205 1.69 -21.43 18.16
CA LEU B 205 1.56 -22.34 17.05
C LEU B 205 0.20 -22.13 16.41
N TYR B 206 0.18 -22.25 15.09
CA TYR B 206 -1.02 -22.11 14.30
C TYR B 206 -1.08 -23.18 13.27
N SER B 207 -2.28 -23.62 12.94
CA SER B 207 -2.48 -24.37 11.71
C SER B 207 -2.18 -23.41 10.53
N PRO B 208 -1.15 -23.72 9.72
CA PRO B 208 -0.77 -22.84 8.63
C PRO B 208 -1.79 -22.77 7.49
N GLY B 209 -2.68 -23.74 7.41
CA GLY B 209 -3.66 -23.76 6.35
C GLY B 209 -2.91 -23.80 5.01
N SER B 210 -3.49 -23.17 4.02
CA SER B 210 -3.02 -23.27 2.66
C SER B 210 -1.63 -22.68 2.42
N SER B 211 -1.11 -21.88 3.34
CA SER B 211 0.24 -21.40 3.21
C SER B 211 1.24 -22.56 3.14
N PHE B 212 0.87 -23.66 3.79
CA PHE B 212 1.73 -24.87 3.86
C PHE B 212 1.80 -25.59 2.50
N LYS B 213 0.89 -25.27 1.59
CA LYS B 213 0.96 -25.89 0.26
C LYS B 213 2.25 -25.55 -0.46
N THR B 214 2.95 -24.51 -0.02
CA THR B 214 4.27 -24.20 -0.52
C THR B 214 5.19 -25.38 -0.33
N VAL B 215 5.09 -26.03 0.82
CA VAL B 215 5.98 -27.16 1.14
C VAL B 215 5.56 -28.38 0.35
N THR B 216 4.26 -28.64 0.30
CA THR B 216 3.76 -29.75 -0.51
C THR B 216 4.23 -29.61 -1.97
N LEU B 217 4.01 -28.42 -2.56
CA LEU B 217 4.42 -28.13 -3.89
C LEU B 217 5.93 -28.33 -4.08
N ALA B 218 6.73 -27.75 -3.22
CA ALA B 218 8.16 -27.88 -3.35
C ALA B 218 8.61 -29.34 -3.30
N ALA B 219 8.01 -30.12 -2.41
CA ALA B 219 8.31 -31.54 -2.29
C ALA B 219 7.92 -32.29 -3.56
N GLY B 220 6.75 -31.94 -4.12
CA GLY B 220 6.25 -32.62 -5.29
C GLY B 220 7.17 -32.41 -6.49
N ILE B 221 7.62 -31.17 -6.61
CA ILE B 221 8.50 -30.79 -7.68
C ILE B 221 9.88 -31.40 -7.46
N ASP B 222 10.40 -31.32 -6.25
CA ASP B 222 11.78 -31.77 -5.97
C ASP B 222 11.98 -33.25 -6.12
N THR B 223 10.95 -34.03 -5.84
CA THR B 223 11.02 -35.45 -5.98
C THR B 223 10.69 -35.85 -7.44
N HIS B 224 10.39 -34.88 -8.31
CA HIS B 224 10.12 -35.21 -9.74
C HIS B 224 8.91 -36.06 -9.90
N LYS B 225 7.92 -35.81 -9.07
CA LYS B 225 6.60 -36.45 -9.17
C LYS B 225 5.51 -35.61 -9.84
N THR B 226 5.80 -34.34 -10.12
CA THR B 226 4.83 -33.46 -10.79
C THR B 226 5.56 -32.24 -11.33
N THR B 227 4.84 -31.43 -12.09
CA THR B 227 5.36 -30.18 -12.64
C THR B 227 4.23 -29.16 -12.52
N LEU B 228 4.56 -27.90 -12.72
CA LEU B 228 3.56 -26.83 -12.65
C LEU B 228 2.53 -26.99 -13.73
N ASP B 229 2.90 -27.61 -14.86
CA ASP B 229 1.95 -27.76 -15.95
C ASP B 229 1.21 -29.08 -15.98
N THR B 230 1.49 -29.95 -15.04
CA THR B 230 0.74 -31.19 -14.85
C THR B 230 -0.68 -30.88 -14.40
N THR B 231 -1.68 -31.49 -15.03
CA THR B 231 -3.05 -31.19 -14.73
C THR B 231 -3.51 -32.09 -13.61
N TYR B 232 -4.45 -31.55 -12.86
CA TYR B 232 -5.02 -32.17 -11.70
C TYR B 232 -6.49 -31.93 -11.81
N SER B 233 -7.24 -32.92 -11.42
CA SER B 233 -8.65 -32.72 -11.20
C SER B 233 -8.83 -31.93 -9.89
N ALA B 234 -9.70 -30.92 -9.89
CA ALA B 234 -9.82 -30.04 -8.73
C ALA B 234 -11.31 -29.80 -8.39
N PRO B 235 -12.03 -30.89 -8.11
CA PRO B 235 -13.45 -30.80 -7.79
C PRO B 235 -13.76 -30.20 -6.45
N GLY B 236 -15.03 -29.86 -6.30
CA GLY B 236 -15.50 -29.25 -5.06
C GLY B 236 -15.36 -30.19 -3.90
N THR B 237 -15.52 -31.47 -4.16
CA THR B 237 -15.51 -32.47 -3.13
C THR B 237 -14.80 -33.71 -3.65
N GLU B 239 -13.36 -37.83 -2.37
CA GLU B 239 -13.10 -38.81 -1.34
C GLU B 239 -11.63 -39.19 -1.41
N ILE B 240 -10.95 -39.09 -0.29
CA ILE B 240 -9.57 -39.51 -0.20
C ILE B 240 -9.40 -40.13 1.18
N GLY B 241 -8.78 -41.32 1.20
CA GLY B 241 -8.47 -42.03 2.44
C GLY B 241 -9.68 -42.34 3.29
N GLY B 242 -10.82 -42.58 2.66
CA GLY B 242 -12.02 -42.94 3.39
C GLY B 242 -12.77 -41.74 3.92
N GLY B 243 -12.19 -40.56 3.83
CA GLY B 243 -12.85 -39.36 4.29
C GLY B 243 -13.09 -38.49 3.08
N THR B 244 -13.43 -37.23 3.33
CA THR B 244 -13.77 -36.29 2.28
C THR B 244 -12.85 -35.06 2.37
N ILE B 245 -12.45 -34.53 1.22
CA ILE B 245 -11.71 -33.28 1.11
C ILE B 245 -12.56 -32.33 0.30
N HIS B 246 -12.55 -31.06 0.65
CA HIS B 246 -13.36 -30.09 -0.05
C HIS B 246 -12.51 -28.90 -0.43
N ASN B 247 -12.73 -28.42 -1.65
CA ASN B 247 -12.32 -27.07 -1.95
C ASN B 247 -13.15 -26.10 -1.13
N TYR B 248 -12.56 -24.96 -0.80
CA TYR B 248 -13.25 -23.85 -0.19
C TYR B 248 -14.50 -23.55 -0.96
N ALA B 249 -15.60 -23.34 -0.24
CA ALA B 249 -16.94 -23.12 -0.84
C ALA B 249 -17.40 -24.27 -1.74
N ASN B 250 -16.82 -25.46 -1.56
CA ASN B 250 -16.99 -26.55 -2.53
C ASN B 250 -16.87 -26.17 -4.01
N GLU B 251 -15.99 -25.24 -4.33
CA GLU B 251 -15.85 -24.83 -5.72
C GLU B 251 -15.29 -25.93 -6.61
N ASP B 252 -16.03 -26.24 -7.67
CA ASP B 252 -15.54 -27.17 -8.67
C ASP B 252 -14.74 -26.39 -9.69
N GLY B 254 -12.79 -28.02 -12.04
CA GLY B 254 -12.51 -28.90 -13.17
C GLY B 254 -11.07 -29.34 -13.15
N THR B 255 -10.54 -29.63 -14.31
CA THR B 255 -9.19 -30.11 -14.46
C THR B 255 -8.35 -28.92 -14.78
N ILE B 256 -7.33 -28.67 -13.99
CA ILE B 256 -6.50 -27.48 -14.16
C ILE B 256 -5.03 -27.78 -13.91
N PRO B 257 -4.13 -27.02 -14.50
CA PRO B 257 -2.71 -27.25 -14.22
C PRO B 257 -2.41 -26.95 -12.76
N LEU B 258 -1.44 -27.65 -12.24
CA LEU B 258 -1.00 -27.42 -10.88
C LEU B 258 -0.68 -25.96 -10.58
N ARG B 259 -0.06 -25.23 -11.49
CA ARG B 259 0.23 -23.83 -11.15
C ARG B 259 -1.05 -23.04 -10.83
N GLU B 260 -2.14 -23.38 -11.51
CA GLU B 260 -3.43 -22.76 -11.32
C GLU B 260 -4.11 -23.29 -10.06
N ALA B 261 -3.99 -24.59 -9.79
CA ALA B 261 -4.51 -25.16 -8.54
C ALA B 261 -3.83 -24.53 -7.35
N PHE B 262 -2.54 -24.23 -7.49
CA PHE B 262 -1.79 -23.53 -6.44
C PHE B 262 -2.22 -22.04 -6.32
N ALA B 263 -2.37 -21.36 -7.44
CA ALA B 263 -2.78 -19.95 -7.44
C ALA B 263 -4.18 -19.77 -6.86
N ARG B 264 -5.07 -20.72 -7.13
CA ARG B 264 -6.44 -20.66 -6.62
C ARG B 264 -6.60 -21.37 -5.29
N SER B 265 -5.52 -22.02 -4.81
CA SER B 265 -5.48 -22.76 -3.57
C SER B 265 -6.56 -23.87 -3.47
N SER B 266 -6.63 -24.75 -4.46
CA SER B 266 -7.53 -25.91 -4.40
C SER B 266 -7.06 -26.95 -3.40
N ASN B 267 -7.89 -27.27 -2.41
CA ASN B 267 -7.54 -28.36 -1.50
C ASN B 267 -7.56 -29.70 -2.17
N THR B 268 -8.55 -29.92 -3.02
CA THR B 268 -8.66 -31.25 -3.58
C THR B 268 -7.46 -31.55 -4.47
N ALA B 269 -6.95 -30.55 -5.21
CA ALA B 269 -5.75 -30.82 -6.03
C ALA B 269 -4.47 -31.04 -5.20
N LEU B 270 -4.24 -30.18 -4.23
CA LEU B 270 -2.97 -30.30 -3.47
C LEU B 270 -3.01 -31.52 -2.56
N ALA B 271 -4.18 -31.89 -2.09
CA ALA B 271 -4.31 -33.12 -1.33
C ALA B 271 -3.88 -34.33 -2.16
N GLN B 272 -4.25 -34.37 -3.43
CA GLN B 272 -3.83 -35.46 -4.30
C GLN B 272 -2.31 -35.49 -4.41
N LEU B 273 -1.70 -34.31 -4.54
CA LEU B 273 -0.27 -34.24 -4.54
C LEU B 273 0.37 -34.77 -3.23
N GLY B 274 -0.19 -34.40 -2.08
CA GLY B 274 0.28 -34.93 -0.80
C GLY B 274 0.25 -36.46 -0.74
N VAL B 275 -0.86 -37.02 -1.20
CA VAL B 275 -1.07 -38.47 -1.16
C VAL B 275 -0.05 -39.16 -2.08
N ALA B 276 0.22 -38.53 -3.23
CA ALA B 276 1.16 -39.08 -4.16
C ALA B 276 2.53 -38.99 -3.57
N LEU B 277 2.81 -37.96 -2.80
CA LEU B 277 4.12 -37.84 -2.13
C LEU B 277 4.35 -38.89 -1.05
N GLY B 278 3.31 -39.08 -0.25
CA GLY B 278 3.40 -39.95 0.90
C GLY B 278 3.91 -39.23 2.13
N ALA B 279 3.66 -39.84 3.28
CA ALA B 279 3.95 -39.21 4.55
C ALA B 279 5.44 -39.03 4.78
N ASP B 280 6.26 -40.04 4.45
CA ASP B 280 7.70 -39.93 4.64
C ASP B 280 8.23 -38.69 3.91
N ASN B 281 7.85 -38.54 2.65
CA ASN B 281 8.29 -37.36 1.90
C ASN B 281 7.73 -36.03 2.45
N LEU B 282 6.46 -36.01 2.73
CA LEU B 282 5.89 -34.74 3.20
C LEU B 282 6.59 -34.31 4.50
N VAL B 283 6.81 -35.25 5.42
CA VAL B 283 7.41 -34.88 6.71
C VAL B 283 8.89 -34.53 6.52
N SER B 284 9.58 -35.31 5.69
CA SER B 284 10.98 -35.07 5.45
C SER B 284 11.22 -33.67 4.85
N TYR B 285 10.42 -33.29 3.87
CA TYR B 285 10.59 -31.96 3.33
C TYR B 285 10.22 -30.88 4.36
N ALA B 286 9.13 -31.07 5.11
CA ALA B 286 8.79 -30.10 6.15
C ALA B 286 9.94 -29.94 7.12
N ARG B 287 10.56 -31.06 7.54
CA ARG B 287 11.73 -30.97 8.38
C ARG B 287 12.92 -30.29 7.75
N ALA B 288 13.16 -30.55 6.46
CA ALA B 288 14.27 -29.90 5.79
C ALA B 288 14.08 -28.40 5.74
N PHE B 289 12.83 -27.93 5.73
CA PHE B 289 12.56 -26.48 5.78
C PHE B 289 12.65 -25.89 7.17
N GLY B 290 12.89 -26.76 8.17
CA GLY B 290 13.01 -26.36 9.59
C GLY B 290 12.00 -26.92 10.61
N TYR B 291 10.93 -27.60 10.20
CA TYR B 291 10.06 -28.22 11.17
C TYR B 291 10.90 -29.14 12.11
N GLY B 292 10.61 -29.14 13.40
CA GLY B 292 11.36 -29.94 14.40
C GLY B 292 12.50 -29.16 15.00
N THR B 293 12.90 -28.04 14.42
CA THR B 293 14.03 -27.24 14.87
C THR B 293 13.53 -26.03 15.63
N ALA B 294 14.21 -25.68 16.74
CA ALA B 294 13.91 -24.49 17.50
C ALA B 294 14.68 -23.36 16.81
N LEU B 295 14.04 -22.84 15.75
CA LEU B 295 14.65 -21.79 14.90
C LEU B 295 15.20 -20.64 15.72
N GLY B 296 16.33 -20.10 15.29
CA GLY B 296 16.86 -18.89 15.87
C GLY B 296 18.24 -19.13 16.43
N GLN B 297 19.24 -18.49 15.88
CA GLN B 297 20.58 -18.58 16.46
C GLN B 297 20.67 -17.98 17.85
N ASP B 298 19.86 -16.95 18.13
CA ASP B 298 20.05 -16.11 19.30
C ASP B 298 18.68 -15.62 19.85
N PHE B 299 17.61 -16.36 19.55
CA PHE B 299 16.31 -16.13 20.13
C PHE B 299 15.57 -17.47 20.15
N SER B 300 14.56 -17.58 20.99
CA SER B 300 13.76 -18.82 21.15
C SER B 300 12.57 -18.85 20.27
N THR B 301 12.45 -19.93 19.50
CA THR B 301 11.27 -20.20 18.73
C THR B 301 10.82 -21.61 19.08
N THR B 302 9.54 -21.81 19.26
CA THR B 302 9.02 -23.16 19.52
C THR B 302 9.00 -23.92 18.20
N PRO B 303 9.54 -25.13 18.19
CA PRO B 303 9.54 -25.87 16.95
C PRO B 303 8.19 -26.04 16.27
N SER B 304 8.18 -25.92 14.95
CA SER B 304 6.98 -26.32 14.20
C SER B 304 6.91 -27.84 14.15
N LEU B 305 5.68 -28.36 14.17
CA LEU B 305 5.45 -29.78 14.38
C LEU B 305 4.82 -30.54 13.23
N PRO B 307 3.78 -34.87 12.40
CA PRO B 307 3.75 -36.16 13.05
C PRO B 307 4.94 -37.04 12.73
N ASN B 308 4.97 -38.14 13.43
CA ASN B 308 5.73 -39.29 13.01
C ASN B 308 5.01 -39.85 11.78
N PRO B 309 5.68 -39.86 10.64
CA PRO B 309 5.03 -40.27 9.41
C PRO B 309 4.46 -41.68 9.50
N ALA B 310 5.05 -42.55 10.31
CA ALA B 310 4.56 -43.91 10.36
C ALA B 310 3.22 -43.96 11.05
N GLU B 311 2.83 -42.93 11.76
CA GLU B 311 1.57 -42.93 12.45
C GLU B 311 0.49 -42.28 11.62
N THR B 313 -2.29 -41.48 8.75
CA THR B 313 -3.17 -42.15 7.82
C THR B 313 -3.25 -41.37 6.51
N THR B 314 -3.84 -42.00 5.50
CA THR B 314 -3.97 -41.36 4.18
C THR B 314 -4.85 -40.09 4.24
N TRP B 315 -5.95 -40.14 4.98
CA TRP B 315 -6.82 -38.97 5.10
C TRP B 315 -6.11 -37.85 5.86
N GLU B 316 -5.39 -38.23 6.91
CA GLU B 316 -4.62 -37.25 7.66
C GLU B 316 -3.58 -36.62 6.76
N LEU B 317 -2.88 -37.44 5.97
CA LEU B 317 -1.87 -36.93 5.03
C LEU B 317 -2.44 -35.92 4.05
N ALA B 318 -3.62 -36.26 3.57
CA ALA B 318 -4.31 -35.43 2.60
C ALA B 318 -4.54 -34.07 3.20
N TRP B 319 -5.06 -34.03 4.42
CA TRP B 319 -5.30 -32.75 5.06
C TRP B 319 -4.00 -32.03 5.45
N ALA B 320 -2.97 -32.77 5.87
CA ALA B 320 -1.68 -32.17 6.24
C ALA B 320 -1.09 -31.44 5.06
N SER B 321 -1.31 -32.03 3.88
CA SER B 321 -0.83 -31.44 2.61
C SER B 321 -1.42 -30.10 2.29
N CYS B 322 -2.63 -29.86 2.81
CA CYS B 322 -3.32 -28.55 2.71
C CYS B 322 -3.13 -27.66 3.91
N GLY B 323 -2.25 -28.07 4.82
CA GLY B 323 -1.96 -27.30 6.03
C GLY B 323 -2.85 -27.45 7.24
N LEU B 324 -3.62 -28.52 7.30
CA LEU B 324 -4.53 -28.75 8.45
C LEU B 324 -4.14 -29.98 9.25
N PRO B 325 -3.88 -29.80 10.56
CA PRO B 325 -3.51 -30.94 11.36
C PRO B 325 -4.79 -31.63 11.84
N VAL B 326 -5.02 -32.87 11.41
CA VAL B 326 -6.17 -33.63 11.89
C VAL B 326 -5.84 -35.00 12.47
N GLY B 327 -4.58 -35.33 12.66
CA GLY B 327 -4.20 -36.67 13.09
C GLY B 327 -4.51 -36.97 14.56
N GLU B 328 -4.62 -38.25 14.89
CA GLU B 328 -4.80 -38.69 16.27
C GLU B 328 -3.89 -39.84 16.52
N HIS B 329 -2.83 -39.62 17.29
CA HIS B 329 -1.86 -40.65 17.50
C HIS B 329 -0.98 -40.13 18.57
N ALA B 330 0.05 -40.88 18.92
CA ALA B 330 0.94 -40.48 19.99
C ALA B 330 1.73 -39.20 19.69
N SER B 331 2.24 -39.10 18.48
CA SER B 331 3.01 -37.94 18.01
C SER B 331 2.06 -36.76 17.72
N PRO B 332 2.60 -35.56 17.65
CA PRO B 332 1.71 -34.41 17.43
C PRO B 332 1.01 -34.42 16.07
N ALA B 333 -0.21 -33.92 16.02
CA ALA B 333 -0.81 -33.65 14.74
C ALA B 333 0.02 -32.54 14.06
N GLY B 334 -0.02 -32.48 12.74
CA GLY B 334 0.68 -31.44 12.02
C GLY B 334 0.14 -31.25 10.61
N PRO B 335 0.58 -30.17 9.93
CA PRO B 335 1.50 -29.19 10.49
C PRO B 335 0.94 -28.21 11.51
N GLN B 336 1.81 -27.87 12.45
CA GLN B 336 1.61 -26.73 13.34
C GLN B 336 2.81 -25.84 13.21
N THR B 337 2.56 -24.58 12.89
CA THR B 337 3.61 -23.69 12.46
C THR B 337 3.72 -22.49 13.35
N THR B 338 4.94 -21.92 13.41
CA THR B 338 5.09 -20.51 13.82
C THR B 338 5.14 -19.59 12.60
N VAL B 339 4.87 -18.32 12.81
CA VAL B 339 5.04 -17.34 11.75
C VAL B 339 6.52 -17.22 11.32
N GLN B 341 8.61 -19.72 11.27
CA GLN B 341 8.85 -20.88 10.40
C GLN B 341 8.29 -20.62 9.00
N ASN B 342 7.12 -19.99 8.94
CA ASN B 342 6.61 -19.58 7.62
C ASN B 342 7.55 -18.63 6.89
N ALA B 343 8.18 -17.69 7.59
CA ALA B 343 9.17 -16.83 6.97
C ALA B 343 10.36 -17.62 6.49
N VAL B 344 10.83 -18.58 7.29
CA VAL B 344 12.01 -19.36 6.88
C VAL B 344 11.77 -20.14 5.61
N ILE B 345 10.53 -20.62 5.44
CA ILE B 345 10.16 -21.27 4.20
C ILE B 345 10.17 -20.32 3.02
N ALA B 346 9.59 -19.15 3.16
CA ALA B 346 9.58 -18.24 2.03
C ALA B 346 11.00 -17.81 1.72
N ALA B 347 11.84 -17.62 2.75
CA ALA B 347 13.23 -17.26 2.55
C ALA B 347 14.02 -18.32 1.76
N ALA B 348 13.82 -19.59 2.10
CA ALA B 348 14.52 -20.68 1.43
C ALA B 348 14.16 -20.74 -0.04
N ILE B 349 12.87 -20.61 -0.33
CA ILE B 349 12.40 -20.54 -1.70
C ILE B 349 12.97 -19.33 -2.42
N ALA B 350 12.99 -18.18 -1.78
CA ALA B 350 13.60 -16.98 -2.38
C ALA B 350 15.08 -17.08 -2.54
N ASN B 351 15.75 -17.87 -1.69
CA ASN B 351 17.21 -18.03 -1.66
C ASN B 351 17.71 -19.34 -2.32
N GLY B 352 17.05 -19.80 -3.36
CA GLY B 352 17.57 -20.94 -4.14
C GLY B 352 17.51 -22.29 -3.45
N GLY B 353 16.63 -22.39 -2.48
CA GLY B 353 16.42 -23.59 -1.72
C GLY B 353 17.25 -23.75 -0.46
N VAL B 354 18.14 -22.79 -0.17
CA VAL B 354 19.03 -22.88 0.96
C VAL B 354 18.38 -22.25 2.21
N VAL B 355 18.17 -23.07 3.25
CA VAL B 355 17.45 -22.68 4.43
C VAL B 355 18.43 -22.04 5.40
N ASN B 357 19.21 -20.47 9.23
CA ASN B 357 18.82 -20.28 10.63
C ASN B 357 18.71 -18.78 11.01
N PRO B 358 17.47 -18.31 11.23
CA PRO B 358 17.32 -16.88 11.41
C PRO B 358 17.99 -16.37 12.67
N TYR B 359 18.31 -15.06 12.66
CA TYR B 359 19.00 -14.47 13.79
C TYR B 359 18.60 -13.06 13.92
N ILE B 360 18.78 -12.58 15.13
CA ILE B 360 18.35 -11.25 15.46
C ILE B 360 19.42 -10.36 16.05
N VAL B 361 20.59 -10.90 16.38
CA VAL B 361 21.65 -10.06 16.88
C VAL B 361 22.66 -9.88 15.75
N ASP B 362 22.87 -8.65 15.35
CA ASP B 362 23.92 -8.41 14.37
C ASP B 362 25.30 -8.54 14.96
N ARG B 363 25.53 -7.88 16.11
CA ARG B 363 26.85 -7.85 16.76
C ARG B 363 26.79 -7.43 18.23
N VAL B 364 27.88 -7.73 18.93
CA VAL B 364 28.03 -7.34 20.34
C VAL B 364 29.11 -6.32 20.46
N LEU B 365 28.81 -5.28 21.22
CA LEU B 365 29.75 -4.20 21.44
C LEU B 365 30.16 -4.14 22.91
N SER B 366 31.45 -3.90 23.14
CA SER B 366 31.98 -3.69 24.48
C SER B 366 31.46 -2.35 24.97
N PRO B 367 31.57 -2.10 26.28
CA PRO B 367 31.29 -0.77 26.85
C PRO B 367 31.96 0.36 26.08
N GLU B 368 33.16 0.12 25.56
CA GLU B 368 33.91 1.16 24.84
C GLU B 368 33.27 1.47 23.49
N GLY B 369 32.51 0.54 22.93
CA GLY B 369 32.08 0.62 21.55
C GLY B 369 32.92 -0.22 20.60
N ALA B 370 33.82 -1.05 21.14
CA ALA B 370 34.57 -2.00 20.31
C ALA B 370 33.66 -3.16 19.92
N VAL B 371 33.87 -3.73 18.75
CA VAL B 371 33.12 -4.91 18.33
C VAL B 371 33.75 -6.15 18.97
N VAL B 372 32.98 -6.81 19.83
CA VAL B 372 33.42 -8.01 20.54
C VAL B 372 33.21 -9.21 19.61
N SER B 373 32.04 -9.28 18.97
CA SER B 373 31.73 -10.37 18.05
C SER B 373 30.68 -9.99 17.02
N THR B 374 30.70 -10.73 15.90
CA THR B 374 29.70 -10.59 14.86
C THR B 374 29.02 -11.93 14.61
N THR B 375 27.70 -11.89 14.40
CA THR B 375 26.96 -13.08 14.13
C THR B 375 27.30 -13.51 12.68
N SER B 376 27.55 -14.78 12.44
CA SER B 376 27.68 -15.26 11.05
C SER B 376 26.39 -15.97 10.66
N PRO B 377 25.92 -15.71 9.41
CA PRO B 377 24.76 -16.47 8.97
C PRO B 377 25.08 -17.95 8.88
N LYS B 378 24.10 -18.80 9.11
CA LYS B 378 24.34 -20.23 9.12
C LYS B 378 23.16 -20.95 8.44
N SER B 379 23.49 -21.87 7.56
CA SER B 379 22.50 -22.66 6.83
C SER B 379 22.06 -23.85 7.62
N LEU B 380 20.79 -24.19 7.49
CA LEU B 380 20.25 -25.45 8.00
C LEU B 380 20.19 -26.46 6.88
N GLY B 381 20.77 -26.13 5.74
CA GLY B 381 20.88 -27.09 4.64
C GLY B 381 20.10 -26.61 3.43
N GLN B 382 20.08 -27.47 2.42
CA GLN B 382 19.38 -27.19 1.20
C GLN B 382 18.15 -28.08 1.15
N ALA B 383 16.99 -27.48 1.28
CA ALA B 383 15.78 -28.24 1.43
C ALA B 383 15.27 -28.76 0.09
N VAL B 384 15.47 -27.97 -0.97
CA VAL B 384 15.12 -28.37 -2.32
C VAL B 384 16.22 -27.81 -3.22
N SER B 385 16.32 -28.35 -4.43
CA SER B 385 17.27 -27.86 -5.37
C SER B 385 16.94 -26.42 -5.81
N ALA B 386 17.95 -25.78 -6.36
CA ALA B 386 17.72 -24.46 -6.99
C ALA B 386 16.65 -24.51 -8.04
N ASP B 387 16.65 -25.54 -8.84
CA ASP B 387 15.65 -25.64 -9.91
C ASP B 387 14.27 -25.76 -9.33
N THR B 388 14.11 -26.51 -8.26
CA THR B 388 12.78 -26.55 -7.60
C THR B 388 12.38 -25.20 -7.04
N ALA B 389 13.32 -24.51 -6.41
CA ALA B 389 13.03 -23.24 -5.79
C ALA B 389 12.56 -22.25 -6.84
N ALA B 390 13.21 -22.22 -8.01
CA ALA B 390 12.74 -21.36 -9.11
C ALA B 390 11.34 -21.68 -9.54
N GLN B 391 10.98 -22.95 -9.61
CA GLN B 391 9.59 -23.30 -9.95
C GLN B 391 8.60 -22.87 -8.89
N VAL B 392 8.99 -23.01 -7.61
CA VAL B 392 8.08 -22.62 -6.53
C VAL B 392 7.88 -21.10 -6.52
N ARG B 393 8.96 -20.36 -6.79
CA ARG B 393 8.90 -18.92 -6.93
C ARG B 393 7.93 -18.49 -8.01
N GLU B 394 8.05 -19.13 -9.17
CA GLU B 394 7.16 -18.85 -10.27
C GLU B 394 5.69 -19.15 -9.90
N ALA B 395 5.46 -20.26 -9.20
CA ALA B 395 4.08 -20.57 -8.76
C ALA B 395 3.54 -19.51 -7.77
N LEU B 397 4.47 -16.39 -7.75
CA LEU B 397 4.19 -15.18 -8.50
C LEU B 397 2.75 -15.24 -9.04
N GLY B 398 2.33 -16.41 -9.45
CA GLY B 398 1.01 -16.66 -10.00
C GLY B 398 -0.05 -16.42 -8.95
N VAL B 399 0.26 -16.84 -7.74
CA VAL B 399 -0.66 -16.61 -6.61
C VAL B 399 -1.03 -15.14 -6.55
N VAL B 400 0.01 -14.29 -6.62
CA VAL B 400 -0.16 -12.86 -6.46
C VAL B 400 -0.66 -12.17 -7.72
N GLU B 401 -0.16 -12.59 -8.88
CA GLU B 401 -0.61 -12.01 -10.14
C GLU B 401 -2.04 -12.39 -10.58
N SER B 402 -2.50 -13.61 -10.31
CA SER B 402 -3.78 -13.99 -10.87
C SER B 402 -4.66 -14.84 -9.96
N GLY B 403 -4.20 -15.10 -8.74
CA GLY B 403 -4.87 -15.99 -7.82
C GLY B 403 -5.35 -15.32 -6.55
N THR B 404 -5.26 -16.04 -5.46
CA THR B 404 -5.82 -15.59 -4.18
C THR B 404 -4.99 -14.51 -3.48
N GLY B 405 -3.81 -14.20 -4.01
CA GLY B 405 -2.93 -13.21 -3.40
C GLY B 405 -2.91 -11.87 -4.10
N GLY B 407 -4.52 -9.28 -3.73
CA GLY B 407 -4.46 -8.19 -2.75
C GLY B 407 -3.07 -7.82 -2.27
N ALA B 408 -2.06 -8.68 -2.44
CA ALA B 408 -0.67 -8.30 -2.06
C ALA B 408 0.06 -7.49 -3.14
N ARG B 409 -0.56 -7.31 -4.29
CA ARG B 409 0.09 -6.53 -5.36
C ARG B 409 0.27 -5.05 -4.99
N VAL B 410 1.38 -4.48 -5.43
CA VAL B 410 1.72 -3.12 -5.17
C VAL B 410 2.18 -2.60 -6.50
N PRO B 411 1.58 -1.50 -6.94
CA PRO B 411 1.98 -1.04 -8.25
C PRO B 411 3.46 -0.70 -8.29
N GLY B 412 4.12 -1.07 -9.37
CA GLY B 412 5.53 -0.74 -9.55
C GLY B 412 6.51 -1.74 -8.99
N VAL B 413 6.03 -2.79 -8.35
CA VAL B 413 6.95 -3.82 -7.86
C VAL B 413 6.31 -5.18 -7.97
N LYS B 414 7.13 -6.16 -8.30
CA LYS B 414 6.68 -7.52 -8.51
C LYS B 414 6.83 -8.28 -7.19
N ILE B 415 5.71 -8.80 -6.70
CA ILE B 415 5.58 -9.49 -5.45
C ILE B 415 5.04 -10.89 -5.72
N ALA B 416 5.62 -11.85 -5.01
CA ALA B 416 5.23 -13.24 -5.05
C ALA B 416 4.94 -13.75 -3.63
N GLY B 417 4.02 -14.69 -3.52
CA GLY B 417 3.70 -15.29 -2.24
C GLY B 417 2.70 -16.42 -2.27
N LYS B 418 2.28 -16.82 -1.07
CA LYS B 418 1.24 -17.80 -0.92
C LYS B 418 0.39 -17.36 0.28
N THR B 419 -0.91 -17.47 0.09
CA THR B 419 -1.89 -17.15 1.06
C THR B 419 -2.33 -18.37 1.79
N GLY B 420 -3.01 -18.17 2.92
CA GLY B 420 -3.74 -19.22 3.59
C GLY B 420 -4.88 -18.74 4.42
N THR B 421 -5.91 -19.56 4.61
CA THR B 421 -6.96 -19.21 5.58
C THR B 421 -7.38 -20.47 6.41
N ALA B 422 -7.23 -20.41 7.73
CA ALA B 422 -7.60 -21.53 8.61
C ALA B 422 -8.85 -21.22 9.43
N ASP B 423 -9.81 -22.14 9.34
CA ASP B 423 -11.04 -22.04 10.09
C ASP B 423 -10.67 -22.48 11.49
N VAL B 424 -10.57 -21.54 12.43
CA VAL B 424 -10.36 -21.96 13.83
C VAL B 424 -11.72 -21.93 14.56
N GLU B 425 -11.77 -22.09 15.87
CA GLU B 425 -13.09 -22.33 16.48
C GLU B 425 -14.09 -21.13 16.39
N ASN B 426 -15.37 -21.45 16.13
CA ASN B 426 -16.54 -20.55 16.29
C ASN B 426 -16.68 -19.25 15.43
N GLY B 427 -16.61 -19.40 14.12
CA GLY B 427 -16.61 -18.24 13.23
C GLY B 427 -15.31 -17.43 13.23
N ASN B 428 -14.28 -17.92 13.91
CA ASN B 428 -12.95 -17.30 13.87
C ASN B 428 -12.18 -17.91 12.70
N PHE B 429 -11.44 -17.06 11.99
CA PHE B 429 -10.61 -17.49 10.87
C PHE B 429 -9.31 -16.73 10.96
N ASN B 430 -8.18 -17.39 10.72
CA ASN B 430 -6.87 -16.73 10.66
C ASN B 430 -6.46 -16.58 9.20
N SER B 431 -5.87 -15.45 8.84
CA SER B 431 -5.41 -15.24 7.48
C SER B 431 -3.90 -15.19 7.50
N PHE B 432 -3.27 -15.93 6.58
CA PHE B 432 -1.83 -16.01 6.51
C PHE B 432 -1.38 -15.46 5.18
N PHE B 433 -0.14 -14.98 5.17
CA PHE B 433 0.57 -14.71 3.91
C PHE B 433 2.03 -14.88 4.14
N ILE B 434 2.68 -15.57 3.20
CA ILE B 434 4.14 -15.48 3.06
C ILE B 434 4.46 -15.00 1.67
N GLY B 435 5.51 -14.22 1.55
CA GLY B 435 5.97 -13.80 0.26
C GLY B 435 7.30 -13.13 0.25
N PHE B 436 7.69 -12.71 -0.93
CA PHE B 436 9.00 -12.10 -1.12
C PHE B 436 8.96 -11.11 -2.27
N ALA B 437 9.96 -10.25 -2.29
CA ALA B 437 10.10 -9.24 -3.28
C ALA B 437 11.51 -8.65 -3.30
N PRO B 438 11.90 -8.05 -4.44
CA PRO B 438 11.19 -8.17 -5.72
C PRO B 438 11.35 -9.56 -6.23
N TYR B 439 10.42 -9.95 -7.10
CA TYR B 439 10.37 -11.30 -7.58
C TYR B 439 11.71 -11.82 -8.19
N ASP B 440 12.29 -11.03 -9.08
CA ASP B 440 13.67 -11.25 -9.56
C ASP B 440 14.62 -10.71 -8.49
N HIS B 441 15.53 -11.51 -7.99
CA HIS B 441 16.45 -11.03 -6.95
C HIS B 441 15.75 -10.46 -5.71
N PRO B 442 15.02 -11.34 -5.01
CA PRO B 442 14.35 -10.98 -3.79
C PRO B 442 15.35 -10.49 -2.79
N THR B 443 15.06 -9.39 -2.10
CA THR B 443 15.89 -8.95 -0.99
C THR B 443 15.11 -8.89 0.32
N LEU B 444 13.85 -9.28 0.30
CA LEU B 444 13.04 -9.32 1.49
C LEU B 444 11.99 -10.41 1.40
N VAL B 445 11.67 -10.92 2.58
CA VAL B 445 10.62 -11.90 2.80
C VAL B 445 9.72 -11.41 3.91
N VAL B 446 8.44 -11.74 3.82
CA VAL B 446 7.49 -11.42 4.87
C VAL B 446 6.68 -12.65 5.21
N SER B 447 6.28 -12.73 6.48
CA SER B 447 5.38 -13.73 6.93
C SER B 447 4.41 -13.06 7.89
N VAL B 448 3.13 -13.34 7.68
CA VAL B 448 2.02 -12.70 8.35
C VAL B 448 0.97 -13.69 8.83
N VAL B 449 0.47 -13.47 10.07
CA VAL B 449 -0.85 -13.96 10.44
C VAL B 449 -1.67 -12.83 11.01
N ILE B 450 -2.91 -12.78 10.56
CA ILE B 450 -3.95 -11.93 11.13
C ILE B 450 -5.05 -12.83 11.67
N GLU B 451 -5.31 -12.71 12.96
CA GLU B 451 -6.32 -13.52 13.61
C GLU B 451 -7.68 -12.84 13.51
N GLY B 452 -8.64 -13.54 12.96
CA GLY B 452 -9.98 -12.96 12.72
C GLY B 452 -10.41 -12.68 14.12
N ASN B 453 -10.59 -13.75 14.90
CA ASN B 453 -11.38 -13.83 16.14
C ASN B 453 -12.65 -12.94 16.13
N GLY B 454 -13.64 -13.35 15.33
CA GLY B 454 -14.87 -12.61 15.15
C GLY B 454 -15.04 -11.96 13.79
N GLU B 455 -14.16 -11.02 13.49
CA GLU B 455 -14.17 -10.32 12.20
C GLU B 455 -13.74 -11.17 10.99
N ASN B 456 -14.17 -10.72 9.80
CA ASN B 456 -13.84 -11.39 8.54
C ASN B 456 -12.56 -10.88 7.88
N VAL B 457 -11.51 -11.66 8.10
CA VAL B 457 -10.17 -11.27 7.74
C VAL B 457 -9.71 -11.99 6.47
N LEU B 458 -10.64 -12.52 5.69
CA LEU B 458 -10.31 -13.19 4.43
C LEU B 458 -9.48 -12.27 3.58
N GLY B 459 -8.29 -12.70 3.22
CA GLY B 459 -7.42 -11.90 2.38
C GLY B 459 -6.62 -10.80 3.06
N TYR B 460 -6.83 -10.58 4.36
CA TYR B 460 -6.16 -9.46 4.99
C TYR B 460 -4.65 -9.74 5.09
N GLY B 461 -4.27 -11.00 5.27
CA GLY B 461 -2.84 -11.33 5.42
C GLY B 461 -2.06 -10.89 4.18
N ALA B 462 -2.64 -11.15 3.02
CA ALA B 462 -2.10 -10.68 1.71
C ALA B 462 -1.98 -9.18 1.62
N GLN B 463 -3.02 -8.46 2.04
CA GLN B 463 -3.01 -7.00 1.89
C GLN B 463 -1.92 -6.42 2.78
N VAL B 464 -1.87 -6.90 4.01
CA VAL B 464 -0.84 -6.48 4.94
C VAL B 464 0.57 -6.82 4.45
N GLY B 465 0.73 -8.05 3.98
CA GLY B 465 2.01 -8.51 3.52
C GLY B 465 2.56 -7.75 2.31
N GLY B 466 1.72 -7.51 1.31
CA GLY B 466 2.15 -6.71 0.20
C GLY B 466 2.53 -5.29 0.64
N ARG B 467 1.67 -4.65 1.44
N ARG B 467 1.71 -4.69 1.48
CA ARG B 467 1.98 -3.28 1.87
CA ARG B 467 1.96 -3.33 1.94
C ARG B 467 3.30 -3.24 2.69
C ARG B 467 3.26 -3.22 2.74
N VAL B 468 3.51 -4.20 3.59
CA VAL B 468 4.75 -4.23 4.38
C VAL B 468 5.98 -4.40 3.49
N LEU B 469 5.91 -5.33 2.54
CA LEU B 469 7.01 -5.54 1.60
C LEU B 469 7.33 -4.28 0.84
N ALA B 470 6.32 -3.64 0.27
CA ALA B 470 6.56 -2.45 -0.51
C ALA B 470 7.21 -1.32 0.31
N GLN B 471 6.68 -1.08 1.50
CA GLN B 471 7.24 -0.03 2.36
C GLN B 471 8.61 -0.39 2.86
N CYS B 472 8.83 -1.66 3.21
CA CYS B 472 10.19 -2.03 3.60
C CYS B 472 11.21 -1.98 2.45
N LEU B 473 10.77 -2.29 1.25
CA LEU B 473 11.64 -2.11 0.09
C LEU B 473 12.09 -0.66 -0.08
N ASN B 474 11.14 0.26 0.09
CA ASN B 474 11.45 1.64 -0.07
C ASN B 474 12.43 2.09 1.01
N ILE B 475 12.21 1.66 2.24
CA ILE B 475 13.20 1.88 3.32
C ILE B 475 14.55 1.29 2.92
N GLN B 476 14.57 0.07 2.38
CA GLN B 476 15.83 -0.55 1.94
C GLN B 476 16.56 0.29 0.91
N ALA B 477 15.83 0.85 -0.05
CA ALA B 477 16.45 1.66 -1.10
C ALA B 477 17.07 2.95 -0.60
N LEU B 478 16.62 3.48 0.53
CA LEU B 478 17.11 4.79 1.02
C LEU B 478 18.55 4.77 1.58
#